data_1JQ3
#
_entry.id   1JQ3
#
_cell.length_a   132.519
_cell.length_b   198.020
_cell.length_c   51.731
_cell.angle_alpha   90.00
_cell.angle_beta   90.00
_cell.angle_gamma   90.00
#
_symmetry.space_group_name_H-M   'P 21 21 2'
#
loop_
_entity.id
_entity.type
_entity.pdbx_description
1 polymer 'Spermidine synthase'
2 non-polymer S-ADENOSYL-1,8-DIAMINO-3-THIOOCTANE
3 water water
#
_entity_poly.entity_id   1
_entity_poly.type   'polypeptide(L)'
_entity_poly.pdbx_seq_one_letter_code
;MRTLKELERELQPRQHLWYFEYYTGNNVGLFMKMNRVIYSGQSDIQRIDIFENPDLGVVFALDGITMTTEKDEFMYHEML
AHVPMFLHPNPKKVLIIGGGDGGTLREVLKHDSVEKAILCEVDGLVIEAARKYLKQTSCGFDDPRAEIVIANGAEYVRKF
KNEFDVIIIDSTDPTAGQGGHLFTEEFYQACYDALKEDGVFSAETEDPFYDIGWFKLAYRRISKVFPITRVYLGFMTTYP
SGMWSYTFASKGIDPIKDFDPEKVRKFNKELKYYNEEVHVASFALPNFVKKELGLM
;
_entity_poly.pdbx_strand_id   A,B,C,D
#
loop_
_chem_comp.id
_chem_comp.type
_chem_comp.name
_chem_comp.formula
AAT non-polymer S-ADENOSYL-1,8-DIAMINO-3-THIOOCTANE 'C18 H29 N7 O3 S'
#
# COMPACT_ATOMS: atom_id res chain seq x y z
N ARG A 2 -26.10 -0.91 -28.42
CA ARG A 2 -25.10 0.18 -28.15
C ARG A 2 -23.68 -0.37 -28.07
N THR A 3 -22.71 0.47 -28.43
CA THR A 3 -21.30 0.11 -28.41
C THR A 3 -20.66 0.65 -27.13
N LEU A 4 -19.48 0.15 -26.79
CA LEU A 4 -18.78 0.59 -25.58
C LEU A 4 -18.52 2.10 -25.57
N LYS A 5 -17.91 2.61 -26.64
CA LYS A 5 -17.61 4.04 -26.71
C LYS A 5 -18.81 4.95 -26.44
N GLU A 6 -19.98 4.60 -26.96
CA GLU A 6 -21.19 5.40 -26.76
C GLU A 6 -21.62 5.54 -25.31
N LEU A 7 -21.32 4.53 -24.51
CA LEU A 7 -21.69 4.49 -23.10
C LEU A 7 -20.62 5.04 -22.13
N GLU A 8 -19.40 5.20 -22.63
CA GLU A 8 -18.30 5.71 -21.83
C GLU A 8 -18.42 7.17 -21.47
N ARG A 9 -18.06 7.47 -20.23
CA ARG A 9 -18.11 8.82 -19.69
C ARG A 9 -16.73 9.16 -19.13
N GLU A 10 -16.54 10.38 -18.66
CA GLU A 10 -15.25 10.77 -18.12
C GLU A 10 -14.89 9.86 -16.94
N LEU A 11 -13.72 9.25 -17.00
CA LEU A 11 -13.26 8.33 -15.96
C LEU A 11 -12.88 9.06 -14.66
N GLN A 12 -13.50 8.63 -13.57
CA GLN A 12 -13.25 9.23 -12.27
C GLN A 12 -12.41 8.34 -11.36
N PRO A 13 -11.38 8.92 -10.71
CA PRO A 13 -10.47 8.19 -9.81
C PRO A 13 -11.11 7.71 -8.52
N ARG A 14 -10.64 6.57 -8.04
CA ARG A 14 -11.14 6.02 -6.78
C ARG A 14 -9.91 5.65 -5.94
N GLN A 15 -10.07 4.84 -4.91
CA GLN A 15 -8.93 4.49 -4.05
C GLN A 15 -8.40 3.07 -4.27
N HIS A 16 -8.64 2.51 -5.44
CA HIS A 16 -8.22 1.12 -5.69
C HIS A 16 -7.00 0.85 -6.55
N LEU A 17 -6.57 1.80 -7.38
CA LEU A 17 -5.41 1.57 -8.24
C LEU A 17 -4.23 2.44 -7.82
N TRP A 18 -3.08 1.80 -7.62
CA TRP A 18 -1.91 2.51 -7.15
C TRP A 18 -0.61 2.08 -7.81
N TYR A 19 0.32 3.03 -7.84
CA TYR A 19 1.67 2.87 -8.33
C TYR A 19 2.56 3.11 -7.10
N PHE A 20 3.43 2.15 -6.82
CA PHE A 20 4.35 2.26 -5.69
C PHE A 20 5.77 2.25 -6.22
N GLU A 21 6.51 3.32 -5.93
CA GLU A 21 7.90 3.43 -6.36
C GLU A 21 8.78 3.28 -5.12
N TYR A 22 9.72 2.34 -5.17
CA TYR A 22 10.64 2.11 -4.05
C TYR A 22 11.92 2.87 -4.30
N TYR A 23 12.45 3.49 -3.24
CA TYR A 23 13.71 4.22 -3.32
C TYR A 23 14.83 3.24 -3.01
N THR A 24 16.06 3.61 -3.34
CA THR A 24 17.23 2.76 -3.08
C THR A 24 17.25 2.33 -1.62
N GLY A 25 17.31 1.01 -1.39
CA GLY A 25 17.31 0.46 -0.04
C GLY A 25 15.99 -0.22 0.28
N ASN A 26 14.94 0.17 -0.45
CA ASN A 26 13.59 -0.38 -0.30
C ASN A 26 12.89 -0.17 1.05
N ASN A 27 13.31 0.87 1.80
CA ASN A 27 12.72 1.17 3.10
C ASN A 27 11.81 2.39 3.08
N VAL A 28 11.84 3.13 1.97
CA VAL A 28 11.03 4.32 1.80
C VAL A 28 10.66 4.41 0.31
N GLY A 29 9.52 5.04 0.00
CA GLY A 29 9.14 5.18 -1.40
C GLY A 29 7.99 6.14 -1.60
N LEU A 30 7.55 6.31 -2.85
CA LEU A 30 6.45 7.20 -3.18
C LEU A 30 5.29 6.39 -3.74
N PHE A 31 4.06 6.77 -3.42
CA PHE A 31 2.92 6.10 -4.00
C PHE A 31 2.02 7.12 -4.70
N MET A 32 1.41 6.69 -5.80
CA MET A 32 0.55 7.57 -6.59
C MET A 32 -0.74 6.86 -7.00
N LYS A 33 -1.86 7.57 -6.87
CA LYS A 33 -3.15 7.03 -7.29
C LYS A 33 -3.15 7.02 -8.83
N MET A 34 -3.74 5.99 -9.43
CA MET A 34 -3.78 5.94 -10.90
C MET A 34 -5.23 6.00 -11.36
N ASN A 35 -5.58 7.01 -12.17
CA ASN A 35 -6.94 7.09 -12.67
C ASN A 35 -7.07 6.11 -13.82
N ARG A 36 -5.98 5.95 -14.55
CA ARG A 36 -5.94 5.01 -15.66
C ARG A 36 -4.51 4.77 -16.06
N VAL A 37 -4.27 3.63 -16.67
CA VAL A 37 -2.96 3.28 -17.18
C VAL A 37 -3.11 3.47 -18.69
N ILE A 38 -2.27 4.33 -19.26
CA ILE A 38 -2.27 4.66 -20.68
C ILE A 38 -1.52 3.65 -21.54
N TYR A 39 -0.40 3.14 -21.02
CA TYR A 39 0.42 2.19 -21.76
C TYR A 39 1.34 1.41 -20.83
N SER A 40 1.48 0.12 -21.11
CA SER A 40 2.40 -0.75 -20.37
C SER A 40 3.08 -1.56 -21.47
N GLY A 41 4.40 -1.48 -21.54
CA GLY A 41 5.12 -2.21 -22.57
C GLY A 41 6.44 -2.75 -22.03
N GLN A 42 6.95 -3.78 -22.68
CA GLN A 42 8.18 -4.42 -22.29
C GLN A 42 9.11 -4.55 -23.49
N SER A 43 10.30 -3.99 -23.39
CA SER A 43 11.28 -4.09 -24.46
C SER A 43 12.28 -5.16 -24.02
N ASP A 44 13.33 -5.34 -24.79
CA ASP A 44 14.37 -6.31 -24.45
C ASP A 44 15.21 -5.76 -23.31
N ILE A 45 15.02 -4.48 -23.02
CA ILE A 45 15.80 -3.82 -21.97
C ILE A 45 15.09 -3.53 -20.66
N GLN A 46 13.85 -3.08 -20.72
CA GLN A 46 13.15 -2.69 -19.49
C GLN A 46 11.64 -2.59 -19.70
N ARG A 47 10.94 -2.32 -18.61
CA ARG A 47 9.49 -2.19 -18.65
C ARG A 47 9.06 -0.73 -18.60
N ILE A 48 8.14 -0.36 -19.48
CA ILE A 48 7.61 1.00 -19.55
C ILE A 48 6.17 1.04 -19.05
N ASP A 49 5.85 1.98 -18.18
CA ASP A 49 4.47 2.17 -17.73
C ASP A 49 4.17 3.64 -17.80
N ILE A 50 3.04 3.99 -18.40
CA ILE A 50 2.64 5.39 -18.50
C ILE A 50 1.21 5.42 -17.99
N PHE A 51 0.95 6.29 -17.02
CA PHE A 51 -0.38 6.34 -16.43
C PHE A 51 -0.78 7.76 -16.06
N GLU A 52 -2.01 7.91 -15.63
CA GLU A 52 -2.53 9.21 -15.28
C GLU A 52 -2.83 9.35 -13.79
N ASN A 53 -2.27 10.39 -13.18
CA ASN A 53 -2.48 10.69 -11.76
C ASN A 53 -3.27 12.00 -11.72
N PRO A 54 -4.29 12.08 -10.84
CA PRO A 54 -5.11 13.29 -10.74
C PRO A 54 -4.34 14.60 -10.52
N ASP A 55 -3.28 14.56 -9.73
CA ASP A 55 -2.52 15.78 -9.50
C ASP A 55 -1.31 15.99 -10.39
N LEU A 56 -0.61 14.91 -10.74
CA LEU A 56 0.60 15.02 -11.54
C LEU A 56 0.42 14.93 -13.04
N GLY A 57 -0.77 14.53 -13.48
CA GLY A 57 -1.02 14.40 -14.90
C GLY A 57 -0.45 13.08 -15.36
N VAL A 58 0.09 13.05 -16.59
CA VAL A 58 0.68 11.84 -17.16
C VAL A 58 2.04 11.55 -16.50
N VAL A 59 2.22 10.31 -16.04
CA VAL A 59 3.45 9.87 -15.38
C VAL A 59 4.07 8.74 -16.19
N PHE A 60 5.38 8.82 -16.38
CA PHE A 60 6.13 7.86 -17.15
C PHE A 60 7.14 7.20 -16.20
N ALA A 61 7.14 5.87 -16.16
CA ALA A 61 8.03 5.11 -15.28
C ALA A 61 8.74 3.98 -16.02
N LEU A 62 10.00 3.73 -15.64
CA LEU A 62 10.79 2.64 -16.22
C LEU A 62 11.18 1.73 -15.06
N ASP A 63 10.80 0.45 -15.19
CA ASP A 63 11.06 -0.55 -14.14
C ASP A 63 10.57 -0.08 -12.77
N GLY A 64 9.41 0.55 -12.74
CA GLY A 64 8.85 1.01 -11.48
C GLY A 64 9.58 2.18 -10.85
N ILE A 65 10.28 2.96 -11.66
CA ILE A 65 10.98 4.14 -11.17
C ILE A 65 10.48 5.33 -11.99
N THR A 66 10.00 6.36 -11.29
CA THR A 66 9.45 7.55 -11.93
C THR A 66 10.48 8.29 -12.77
N MET A 67 10.18 8.48 -14.05
CA MET A 67 11.08 9.16 -14.96
C MET A 67 10.61 10.61 -15.18
N THR A 68 9.33 10.78 -15.50
CA THR A 68 8.78 12.12 -15.69
C THR A 68 7.32 12.22 -15.26
N THR A 69 6.89 13.42 -14.89
CA THR A 69 5.46 13.68 -14.62
C THR A 69 5.22 15.00 -15.34
N GLU A 70 4.05 15.10 -15.94
CA GLU A 70 3.63 16.28 -16.69
C GLU A 70 3.68 17.57 -15.86
N LYS A 71 3.36 17.46 -14.58
CA LYS A 71 3.35 18.64 -13.72
C LYS A 71 4.70 19.26 -13.38
N ASP A 72 5.76 18.45 -13.34
CA ASP A 72 7.05 19.01 -12.92
C ASP A 72 8.31 18.66 -13.69
N GLU A 73 8.20 17.91 -14.79
CA GLU A 73 9.41 17.54 -15.52
C GLU A 73 10.28 18.73 -15.94
N PHE A 74 9.66 19.91 -16.09
CA PHE A 74 10.41 21.10 -16.49
C PHE A 74 11.54 21.44 -15.53
N MET A 75 11.36 21.09 -14.25
CA MET A 75 12.35 21.40 -13.23
C MET A 75 13.67 20.71 -13.49
N TYR A 76 13.56 19.45 -13.85
CA TYR A 76 14.70 18.60 -14.14
C TYR A 76 15.32 18.98 -15.48
N HIS A 77 14.52 18.92 -16.54
CA HIS A 77 15.04 19.21 -17.88
C HIS A 77 15.63 20.59 -18.06
N GLU A 78 15.03 21.60 -17.42
CA GLU A 78 15.57 22.95 -17.53
C GLU A 78 16.91 23.09 -16.82
N MET A 79 17.06 22.45 -15.66
CA MET A 79 18.34 22.55 -14.94
C MET A 79 19.44 21.72 -15.58
N LEU A 80 19.08 20.54 -16.11
CA LEU A 80 20.09 19.69 -16.72
C LEU A 80 20.61 20.31 -18.02
N ALA A 81 19.73 20.92 -18.80
CA ALA A 81 20.14 21.49 -20.08
C ALA A 81 20.60 22.94 -20.12
N HIS A 82 19.85 23.83 -19.46
CA HIS A 82 20.19 25.24 -19.57
C HIS A 82 21.48 25.72 -18.96
N VAL A 83 21.95 25.05 -17.91
CA VAL A 83 23.20 25.43 -17.27
C VAL A 83 24.36 25.33 -18.27
N PRO A 84 24.58 24.15 -18.87
CA PRO A 84 25.68 24.04 -19.84
C PRO A 84 25.43 24.82 -21.12
N MET A 85 24.19 24.80 -21.61
CA MET A 85 23.86 25.51 -22.84
C MET A 85 24.14 27.02 -22.76
N PHE A 86 23.76 27.64 -21.66
CA PHE A 86 24.00 29.08 -21.51
C PHE A 86 25.48 29.41 -21.27
N LEU A 87 26.20 28.48 -20.64
CA LEU A 87 27.62 28.68 -20.37
C LEU A 87 28.50 28.54 -21.59
N HIS A 88 28.06 27.78 -22.59
CA HIS A 88 28.86 27.62 -23.79
C HIS A 88 28.76 28.90 -24.63
N PRO A 89 29.91 29.36 -25.19
CA PRO A 89 29.96 30.58 -26.02
C PRO A 89 29.06 30.58 -27.26
N ASN A 90 28.93 29.41 -27.90
CA ASN A 90 28.13 29.31 -29.13
C ASN A 90 27.90 27.83 -29.38
N PRO A 91 26.93 27.23 -28.67
CA PRO A 91 26.64 25.80 -28.82
C PRO A 91 25.91 25.44 -30.11
N LYS A 92 26.62 24.81 -31.04
CA LYS A 92 26.03 24.42 -32.33
C LYS A 92 25.69 22.93 -32.45
N LYS A 93 26.59 22.07 -31.98
CA LYS A 93 26.39 20.61 -32.04
C LYS A 93 26.31 20.05 -30.62
N VAL A 94 25.18 19.42 -30.32
CA VAL A 94 24.93 18.85 -29.00
C VAL A 94 24.60 17.37 -29.05
N LEU A 95 25.09 16.65 -28.05
CA LEU A 95 24.84 15.22 -27.92
C LEU A 95 24.20 15.00 -26.56
N ILE A 96 23.03 14.37 -26.58
CA ILE A 96 22.32 14.05 -25.34
C ILE A 96 22.32 12.53 -25.25
N ILE A 97 22.79 11.99 -24.12
CA ILE A 97 22.81 10.55 -23.94
C ILE A 97 21.70 10.20 -22.94
N GLY A 98 20.80 9.32 -23.37
CA GLY A 98 19.65 8.95 -22.56
C GLY A 98 18.47 9.83 -22.99
N GLY A 99 17.64 10.25 -22.04
CA GLY A 99 16.51 11.13 -22.32
C GLY A 99 15.56 10.75 -23.43
N GLY A 100 15.17 9.48 -23.48
CA GLY A 100 14.25 9.03 -24.51
C GLY A 100 12.91 9.74 -24.50
N ASP A 101 12.54 10.30 -23.34
CA ASP A 101 11.29 11.04 -23.21
C ASP A 101 11.33 12.33 -24.05
N GLY A 102 12.54 12.82 -24.33
CA GLY A 102 12.75 14.01 -25.15
C GLY A 102 12.80 15.37 -24.46
N GLY A 103 12.58 15.40 -23.15
CA GLY A 103 12.55 16.66 -22.41
C GLY A 103 13.79 17.52 -22.53
N THR A 104 14.96 16.90 -22.38
CA THR A 104 16.23 17.60 -22.47
C THR A 104 16.42 18.12 -23.89
N LEU A 105 16.07 17.30 -24.87
CA LEU A 105 16.17 17.68 -26.28
C LEU A 105 15.31 18.92 -26.51
N ARG A 106 14.11 18.92 -25.93
CA ARG A 106 13.20 20.05 -26.06
C ARG A 106 13.85 21.34 -25.54
N GLU A 107 14.51 21.27 -24.39
CA GLU A 107 15.16 22.45 -23.80
C GLU A 107 16.37 22.90 -24.60
N VAL A 108 17.18 21.93 -25.03
CA VAL A 108 18.37 22.24 -25.84
C VAL A 108 17.95 22.96 -27.13
N LEU A 109 16.86 22.48 -27.75
CA LEU A 109 16.38 23.06 -29.01
C LEU A 109 15.89 24.51 -28.91
N LYS A 110 15.66 24.97 -27.68
CA LYS A 110 15.21 26.35 -27.46
C LYS A 110 16.32 27.33 -27.81
N HIS A 111 17.56 26.85 -27.79
CA HIS A 111 18.73 27.65 -28.10
C HIS A 111 18.93 27.77 -29.61
N ASP A 112 18.77 29.00 -30.11
CA ASP A 112 18.87 29.30 -31.53
C ASP A 112 20.21 28.95 -32.19
N SER A 113 21.30 28.92 -31.41
CA SER A 113 22.62 28.61 -31.96
C SER A 113 22.71 27.17 -32.40
N VAL A 114 21.89 26.31 -31.81
CA VAL A 114 21.92 24.88 -32.13
C VAL A 114 21.59 24.58 -33.59
N GLU A 115 22.49 23.85 -34.24
CA GLU A 115 22.33 23.45 -35.62
C GLU A 115 22.04 21.94 -35.69
N LYS A 116 22.59 21.18 -34.74
CA LYS A 116 22.39 19.74 -34.70
C LYS A 116 22.35 19.21 -33.25
N ALA A 117 21.26 18.53 -32.90
CA ALA A 117 21.11 17.93 -31.57
C ALA A 117 20.89 16.43 -31.75
N ILE A 118 21.80 15.63 -31.23
CA ILE A 118 21.66 14.19 -31.36
C ILE A 118 21.16 13.60 -30.04
N LEU A 119 20.08 12.82 -30.14
CA LEU A 119 19.51 12.17 -28.97
C LEU A 119 19.84 10.68 -29.10
N CYS A 120 20.72 10.21 -28.23
CA CYS A 120 21.18 8.81 -28.23
C CYS A 120 20.55 8.04 -27.09
N GLU A 121 19.46 7.35 -27.43
CA GLU A 121 18.68 6.56 -26.47
C GLU A 121 18.92 5.07 -26.76
N VAL A 122 19.13 4.30 -25.70
CA VAL A 122 19.41 2.87 -25.88
C VAL A 122 18.19 2.02 -26.22
N ASP A 123 17.02 2.46 -25.79
CA ASP A 123 15.81 1.69 -26.00
C ASP A 123 14.85 2.30 -27.00
N GLY A 124 14.75 1.65 -28.17
CA GLY A 124 13.86 2.13 -29.21
C GLY A 124 12.41 2.21 -28.77
N LEU A 125 11.99 1.30 -27.89
CA LEU A 125 10.60 1.31 -27.42
C LEU A 125 10.32 2.57 -26.60
N VAL A 126 11.34 3.10 -25.92
CA VAL A 126 11.13 4.33 -25.12
C VAL A 126 10.84 5.48 -26.08
N ILE A 127 11.60 5.56 -27.17
CA ILE A 127 11.40 6.61 -28.17
C ILE A 127 10.00 6.50 -28.79
N GLU A 128 9.59 5.27 -29.13
CA GLU A 128 8.27 5.06 -29.73
C GLU A 128 7.14 5.39 -28.77
N ALA A 129 7.32 5.02 -27.51
CA ALA A 129 6.31 5.28 -26.49
C ALA A 129 6.23 6.77 -26.19
N ALA A 130 7.39 7.43 -26.18
CA ALA A 130 7.41 8.87 -25.90
C ALA A 130 6.76 9.65 -27.06
N ARG A 131 7.04 9.22 -28.29
CA ARG A 131 6.48 9.88 -29.46
C ARG A 131 4.94 9.83 -29.45
N LYS A 132 4.40 8.70 -29.02
CA LYS A 132 2.98 8.47 -28.99
C LYS A 132 2.21 8.94 -27.77
N TYR A 133 2.79 8.78 -26.59
CA TYR A 133 2.09 9.13 -25.35
C TYR A 133 2.64 10.26 -24.50
N LEU A 134 3.85 10.74 -24.78
CA LEU A 134 4.45 11.81 -23.98
C LEU A 134 4.77 13.03 -24.84
N LYS A 135 3.75 13.53 -25.55
CA LYS A 135 3.91 14.67 -26.45
C LYS A 135 4.46 15.95 -25.84
N GLN A 136 4.24 16.12 -24.54
CA GLN A 136 4.74 17.30 -23.84
C GLN A 136 6.27 17.35 -23.89
N THR A 137 6.91 16.18 -23.75
CA THR A 137 8.36 16.12 -23.80
C THR A 137 8.97 15.74 -25.15
N SER A 138 8.21 15.01 -25.96
CA SER A 138 8.73 14.53 -27.24
C SER A 138 8.45 15.44 -28.43
N CYS A 139 8.01 16.66 -28.16
CA CYS A 139 7.70 17.63 -29.21
C CYS A 139 8.89 18.03 -30.08
N GLY A 140 10.10 17.85 -29.54
CA GLY A 140 11.32 18.16 -30.27
C GLY A 140 11.73 17.12 -31.29
N PHE A 141 11.16 15.92 -31.22
CA PHE A 141 11.48 14.86 -32.17
C PHE A 141 11.26 15.37 -33.61
N ASP A 142 10.22 16.19 -33.78
CA ASP A 142 9.86 16.75 -35.09
C ASP A 142 10.79 17.86 -35.62
N ASP A 143 11.70 18.36 -34.80
CA ASP A 143 12.62 19.43 -35.20
C ASP A 143 13.62 18.94 -36.26
N PRO A 144 13.79 19.72 -37.35
CA PRO A 144 14.72 19.35 -38.42
C PRO A 144 16.17 19.21 -37.96
N ARG A 145 16.49 19.85 -36.82
CA ARG A 145 17.85 19.80 -36.28
C ARG A 145 18.06 18.60 -35.37
N ALA A 146 16.98 17.93 -34.98
CA ALA A 146 17.10 16.78 -34.07
C ALA A 146 17.33 15.48 -34.83
N GLU A 147 18.26 14.68 -34.34
CA GLU A 147 18.55 13.37 -34.92
C GLU A 147 18.52 12.35 -33.79
N ILE A 148 17.63 11.36 -33.92
CA ILE A 148 17.50 10.31 -32.91
C ILE A 148 18.33 9.09 -33.29
N VAL A 149 19.15 8.63 -32.36
CA VAL A 149 19.98 7.45 -32.59
C VAL A 149 19.69 6.41 -31.52
N ILE A 150 19.42 5.17 -31.93
CA ILE A 150 19.16 4.12 -30.95
C ILE A 150 20.48 3.39 -30.76
N ALA A 151 21.10 3.62 -29.61
CA ALA A 151 22.38 3.01 -29.30
C ALA A 151 22.71 3.17 -27.84
N ASN A 152 23.70 2.42 -27.38
CA ASN A 152 24.20 2.49 -26.01
C ASN A 152 25.17 3.67 -26.05
N GLY A 153 24.86 4.72 -25.29
CA GLY A 153 25.68 5.92 -25.27
C GLY A 153 27.17 5.73 -24.97
N ALA A 154 27.49 4.75 -24.12
CA ALA A 154 28.87 4.48 -23.75
C ALA A 154 29.67 3.98 -24.95
N GLU A 155 28.99 3.29 -25.85
CA GLU A 155 29.62 2.77 -27.05
C GLU A 155 29.57 3.83 -28.17
N TYR A 156 28.44 4.53 -28.25
CA TYR A 156 28.23 5.55 -29.28
C TYR A 156 29.19 6.76 -29.23
N VAL A 157 29.40 7.32 -28.04
CA VAL A 157 30.28 8.48 -27.88
C VAL A 157 31.76 8.24 -28.25
N ARG A 158 32.23 7.01 -28.10
CA ARG A 158 33.62 6.65 -28.42
C ARG A 158 33.95 6.84 -29.89
N LYS A 159 32.92 6.79 -30.74
CA LYS A 159 33.09 6.94 -32.17
C LYS A 159 33.45 8.37 -32.59
N PHE A 160 33.39 9.31 -31.65
CA PHE A 160 33.68 10.71 -32.00
C PHE A 160 34.83 11.32 -31.22
N LYS A 161 35.47 12.31 -31.84
CA LYS A 161 36.60 13.03 -31.22
C LYS A 161 36.53 14.47 -31.72
N ASN A 162 36.67 15.44 -30.81
CA ASN A 162 36.66 16.85 -31.20
C ASN A 162 35.45 17.14 -32.09
N GLU A 163 34.27 16.69 -31.65
CA GLU A 163 33.05 16.80 -32.43
C GLU A 163 31.91 17.65 -31.86
N PHE A 164 31.66 17.54 -30.56
CA PHE A 164 30.54 18.25 -29.94
C PHE A 164 30.89 19.45 -29.08
N ASP A 165 29.96 20.39 -29.01
CA ASP A 165 30.13 21.58 -28.19
C ASP A 165 29.63 21.29 -26.78
N VAL A 166 28.57 20.48 -26.70
CA VAL A 166 27.94 20.14 -25.42
C VAL A 166 27.51 18.69 -25.40
N ILE A 167 27.75 18.03 -24.28
CA ILE A 167 27.32 16.65 -24.08
C ILE A 167 26.56 16.65 -22.77
N ILE A 168 25.33 16.14 -22.80
CA ILE A 168 24.49 16.09 -21.62
C ILE A 168 24.12 14.62 -21.35
N ILE A 169 24.35 14.16 -20.12
CA ILE A 169 24.00 12.79 -19.73
C ILE A 169 22.66 12.82 -18.98
N ASP A 170 21.62 12.29 -19.61
CA ASP A 170 20.27 12.25 -19.05
C ASP A 170 19.94 10.76 -18.86
N SER A 171 20.62 10.15 -17.91
CA SER A 171 20.50 8.73 -17.65
C SER A 171 19.55 8.27 -16.54
N THR A 172 19.31 6.96 -16.52
CA THR A 172 18.51 6.33 -15.46
C THR A 172 19.50 6.12 -14.31
N ASP A 173 19.04 5.54 -13.21
CA ASP A 173 19.92 5.28 -12.07
C ASP A 173 20.93 4.21 -12.54
N PRO A 174 22.21 4.32 -12.10
CA PRO A 174 23.27 3.38 -12.46
C PRO A 174 22.96 1.91 -12.26
N THR A 175 21.99 1.62 -11.40
CA THR A 175 21.58 0.24 -11.14
C THR A 175 20.33 -0.11 -11.95
N ALA A 176 19.70 0.90 -12.56
CA ALA A 176 18.48 0.72 -13.36
C ALA A 176 18.74 0.63 -14.87
N GLY A 177 18.13 -0.38 -15.50
CA GLY A 177 18.27 -0.59 -16.94
C GLY A 177 19.70 -0.61 -17.44
N GLN A 178 19.93 0.04 -18.59
CA GLN A 178 21.26 0.12 -19.20
C GLN A 178 22.12 1.21 -18.56
N GLY A 179 21.65 1.75 -17.44
CA GLY A 179 22.39 2.75 -16.71
C GLY A 179 23.51 2.05 -15.99
N GLY A 180 24.62 2.74 -15.78
CA GLY A 180 25.76 2.11 -15.12
C GLY A 180 26.89 2.15 -16.14
N HIS A 181 26.54 1.86 -17.39
CA HIS A 181 27.49 1.90 -18.49
C HIS A 181 27.92 3.37 -18.65
N LEU A 182 27.00 4.28 -18.32
CA LEU A 182 27.21 5.72 -18.41
C LEU A 182 27.79 6.34 -17.14
N PHE A 183 28.49 5.54 -16.33
CA PHE A 183 29.07 6.05 -15.09
C PHE A 183 30.55 5.71 -14.90
N THR A 184 31.19 5.17 -15.92
CA THR A 184 32.61 4.80 -15.85
C THR A 184 33.57 5.98 -16.06
N GLU A 185 34.76 5.92 -15.47
CA GLU A 185 35.74 6.99 -15.66
C GLU A 185 36.15 6.99 -17.13
N GLU A 186 36.20 5.80 -17.72
CA GLU A 186 36.56 5.65 -19.12
C GLU A 186 35.48 6.33 -19.99
N PHE A 187 34.22 6.18 -19.58
CA PHE A 187 33.13 6.79 -20.31
C PHE A 187 33.24 8.31 -20.28
N TYR A 188 33.55 8.86 -19.11
CA TYR A 188 33.69 10.29 -18.99
C TYR A 188 34.87 10.79 -19.81
N GLN A 189 35.92 9.97 -19.90
CA GLN A 189 37.09 10.34 -20.69
C GLN A 189 36.66 10.37 -22.17
N ALA A 190 35.83 9.41 -22.57
CA ALA A 190 35.32 9.35 -23.94
C ALA A 190 34.48 10.60 -24.26
N CYS A 191 33.74 11.09 -23.27
CA CYS A 191 32.93 12.29 -23.46
C CYS A 191 33.87 13.49 -23.61
N TYR A 192 34.90 13.55 -22.77
CA TYR A 192 35.89 14.62 -22.81
C TYR A 192 36.55 14.64 -24.19
N ASP A 193 36.96 13.47 -24.67
CA ASP A 193 37.61 13.35 -25.98
C ASP A 193 36.68 13.65 -27.15
N ALA A 194 35.38 13.47 -26.95
CA ALA A 194 34.42 13.74 -28.01
C ALA A 194 34.03 15.22 -28.10
N LEU A 195 34.32 15.97 -27.04
CA LEU A 195 34.02 17.41 -27.03
C LEU A 195 35.16 18.17 -27.71
N LYS A 196 34.83 19.34 -28.24
CA LYS A 196 35.83 20.21 -28.87
C LYS A 196 36.67 20.86 -27.76
N GLU A 197 37.61 21.75 -28.13
CA GLU A 197 38.49 22.37 -27.13
C GLU A 197 37.83 23.23 -26.05
N ASP A 198 36.72 23.88 -26.37
CA ASP A 198 36.01 24.72 -25.42
C ASP A 198 34.62 24.12 -25.09
N GLY A 199 34.53 22.80 -25.16
CA GLY A 199 33.27 22.13 -24.89
C GLY A 199 32.84 22.07 -23.44
N VAL A 200 31.53 21.94 -23.23
CA VAL A 200 30.99 21.85 -21.89
C VAL A 200 30.20 20.56 -21.72
N PHE A 201 29.88 20.24 -20.48
CA PHE A 201 29.22 18.99 -20.14
C PHE A 201 28.32 19.08 -18.89
N SER A 202 27.29 18.25 -18.84
CA SER A 202 26.43 18.17 -17.66
C SER A 202 25.89 16.74 -17.58
N ALA A 203 25.71 16.25 -16.37
CA ALA A 203 25.20 14.91 -16.16
C ALA A 203 24.34 14.93 -14.92
N GLU A 204 23.25 14.16 -14.93
CA GLU A 204 22.40 14.10 -13.75
C GLU A 204 23.19 13.20 -12.80
N THR A 205 23.37 13.63 -11.55
CA THR A 205 24.14 12.83 -10.60
C THR A 205 23.38 12.37 -9.34
N GLU A 206 22.08 12.16 -9.50
CA GLU A 206 21.23 11.64 -8.43
C GLU A 206 21.07 12.51 -7.18
N ASP A 207 20.24 12.02 -6.26
CA ASP A 207 19.99 12.71 -5.00
C ASP A 207 21.08 12.32 -3.98
N PRO A 208 21.67 13.32 -3.30
CA PRO A 208 22.71 13.08 -2.29
C PRO A 208 22.04 12.68 -0.97
N PHE A 209 21.09 11.75 -1.05
CA PHE A 209 20.36 11.31 0.14
C PHE A 209 20.22 9.79 0.08
N TYR A 210 19.27 9.29 -0.70
CA TYR A 210 19.10 7.83 -0.83
C TYR A 210 20.19 7.25 -1.73
N ASP A 211 20.70 8.08 -2.64
CA ASP A 211 21.71 7.65 -3.58
C ASP A 211 23.07 8.34 -3.43
N ILE A 212 23.43 8.58 -2.18
CA ILE A 212 24.68 9.23 -1.81
C ILE A 212 25.90 8.51 -2.38
N GLY A 213 25.85 7.19 -2.44
CA GLY A 213 26.96 6.40 -2.94
C GLY A 213 27.32 6.75 -4.37
N TRP A 214 26.35 6.63 -5.28
CA TRP A 214 26.58 6.93 -6.67
C TRP A 214 26.85 8.40 -6.94
N PHE A 215 26.25 9.28 -6.13
CA PHE A 215 26.46 10.72 -6.27
C PHE A 215 27.96 11.00 -6.08
N LYS A 216 28.51 10.49 -4.97
CA LYS A 216 29.93 10.69 -4.68
C LYS A 216 30.82 10.12 -5.79
N LEU A 217 30.53 8.89 -6.19
CA LEU A 217 31.30 8.20 -7.24
C LEU A 217 31.28 8.94 -8.58
N ALA A 218 30.10 9.42 -8.98
CA ALA A 218 29.98 10.13 -10.26
C ALA A 218 30.83 11.40 -10.20
N TYR A 219 30.76 12.13 -9.10
CA TYR A 219 31.54 13.35 -8.95
C TYR A 219 33.04 13.09 -9.02
N ARG A 220 33.50 12.04 -8.35
CA ARG A 220 34.91 11.67 -8.33
C ARG A 220 35.42 11.39 -9.74
N ARG A 221 34.72 10.52 -10.45
CA ARG A 221 35.11 10.13 -11.79
C ARG A 221 35.14 11.28 -12.80
N ILE A 222 34.14 12.16 -12.74
CA ILE A 222 34.06 13.30 -13.65
C ILE A 222 35.17 14.31 -13.33
N SER A 223 35.39 14.56 -12.03
CA SER A 223 36.40 15.52 -11.58
C SER A 223 37.83 15.09 -11.91
N LYS A 224 38.01 13.79 -12.13
CA LYS A 224 39.30 13.23 -12.47
C LYS A 224 39.59 13.40 -13.96
N VAL A 225 38.56 13.70 -14.74
CA VAL A 225 38.69 13.88 -16.17
C VAL A 225 38.69 15.36 -16.62
N PHE A 226 37.72 16.10 -16.11
CA PHE A 226 37.57 17.51 -16.46
C PHE A 226 38.27 18.46 -15.50
N PRO A 227 38.96 19.48 -16.04
CA PRO A 227 39.67 20.45 -15.18
C PRO A 227 38.68 21.18 -14.28
N ILE A 228 37.51 21.53 -14.85
CA ILE A 228 36.45 22.22 -14.12
C ILE A 228 35.29 21.23 -13.91
N THR A 229 34.97 20.96 -12.65
CA THR A 229 33.87 20.05 -12.32
C THR A 229 33.16 20.65 -11.10
N ARG A 230 31.88 20.99 -11.28
CA ARG A 230 31.10 21.62 -10.22
C ARG A 230 29.70 21.05 -10.13
N VAL A 231 29.30 20.71 -8.91
CA VAL A 231 27.97 20.17 -8.65
C VAL A 231 26.98 21.32 -8.40
N TYR A 232 25.78 21.21 -8.98
CA TYR A 232 24.73 22.18 -8.76
C TYR A 232 23.47 21.40 -8.38
N LEU A 233 22.60 22.02 -7.62
CA LEU A 233 21.41 21.35 -7.12
C LEU A 233 20.12 21.98 -7.61
N GLY A 234 19.06 21.18 -7.65
CA GLY A 234 17.79 21.70 -8.11
C GLY A 234 16.66 20.91 -7.48
N PHE A 235 15.52 21.55 -7.30
CA PHE A 235 14.37 20.86 -6.75
C PHE A 235 13.80 19.99 -7.87
N MET A 236 13.21 18.88 -7.50
CA MET A 236 12.61 17.98 -8.48
C MET A 236 11.56 17.30 -7.60
N THR A 237 10.37 17.89 -7.64
CA THR A 237 9.24 17.53 -6.81
C THR A 237 8.68 16.11 -6.79
N THR A 238 9.16 15.26 -7.69
CA THR A 238 8.70 13.88 -7.71
C THR A 238 9.83 12.84 -7.81
N TYR A 239 11.08 13.29 -7.66
CA TYR A 239 12.21 12.39 -7.67
C TYR A 239 12.54 12.10 -6.21
N PRO A 240 13.16 10.95 -5.93
CA PRO A 240 13.54 10.52 -4.58
C PRO A 240 14.25 11.63 -3.79
N SER A 241 13.61 12.02 -2.69
CA SER A 241 14.06 13.06 -1.73
C SER A 241 13.78 14.50 -2.16
N GLY A 242 13.52 14.71 -3.45
CA GLY A 242 13.24 16.05 -3.95
C GLY A 242 14.45 16.95 -4.06
N MET A 243 15.61 16.41 -3.71
CA MET A 243 16.85 17.18 -3.79
C MET A 243 17.69 16.50 -4.85
N TRP A 244 17.72 17.07 -6.04
CA TRP A 244 18.47 16.49 -7.15
C TRP A 244 19.77 17.21 -7.42
N SER A 245 20.78 16.47 -7.88
CA SER A 245 22.07 17.06 -8.18
C SER A 245 22.43 16.83 -9.64
N TYR A 246 23.20 17.76 -10.17
CA TYR A 246 23.67 17.70 -11.54
C TYR A 246 25.14 18.09 -11.45
N THR A 247 25.94 17.62 -12.39
CA THR A 247 27.35 17.95 -12.39
C THR A 247 27.76 18.62 -13.69
N PHE A 248 28.20 19.86 -13.57
CA PHE A 248 28.67 20.61 -14.71
C PHE A 248 30.18 20.38 -14.81
N ALA A 249 30.68 20.28 -16.04
CA ALA A 249 32.10 20.09 -16.26
C ALA A 249 32.52 20.73 -17.58
N SER A 250 33.77 21.18 -17.63
CA SER A 250 34.29 21.80 -18.85
C SER A 250 35.80 21.72 -18.87
N LYS A 251 36.38 22.28 -19.92
CA LYS A 251 37.83 22.29 -20.12
C LYS A 251 38.39 23.69 -19.83
N GLY A 252 37.62 24.50 -19.11
CA GLY A 252 38.08 25.85 -18.79
C GLY A 252 37.00 26.82 -18.36
N ILE A 253 35.84 26.76 -19.01
CA ILE A 253 34.73 27.65 -18.70
C ILE A 253 34.23 27.42 -17.27
N ASP A 254 34.24 28.47 -16.47
CA ASP A 254 33.80 28.40 -15.08
C ASP A 254 32.30 28.74 -15.06
N PRO A 255 31.49 27.90 -14.39
CA PRO A 255 30.04 28.05 -14.27
C PRO A 255 29.54 29.34 -13.61
N ILE A 256 30.40 30.01 -12.87
CA ILE A 256 30.02 31.26 -12.22
C ILE A 256 30.75 32.45 -12.86
N LYS A 257 32.07 32.35 -12.95
CA LYS A 257 32.91 33.41 -13.49
C LYS A 257 32.69 33.70 -14.96
N ASP A 258 32.27 32.69 -15.72
CA ASP A 258 32.03 32.90 -17.15
C ASP A 258 30.57 32.91 -17.56
N PHE A 259 29.70 33.12 -16.57
CA PHE A 259 28.25 33.19 -16.80
C PHE A 259 27.83 34.60 -17.18
N ASP A 260 27.15 34.76 -18.30
CA ASP A 260 26.67 36.07 -18.73
C ASP A 260 25.15 36.05 -18.55
N PRO A 261 24.67 36.63 -17.43
CA PRO A 261 23.24 36.68 -17.11
C PRO A 261 22.38 37.32 -18.19
N GLU A 262 22.98 38.21 -18.99
CA GLU A 262 22.22 38.85 -20.06
C GLU A 262 21.70 37.81 -21.07
N LYS A 263 22.44 36.72 -21.25
CA LYS A 263 21.99 35.67 -22.19
C LYS A 263 20.65 35.11 -21.75
N VAL A 264 20.47 34.94 -20.43
CA VAL A 264 19.23 34.40 -19.87
C VAL A 264 18.12 35.45 -19.83
N ARG A 265 18.48 36.67 -19.43
CA ARG A 265 17.52 37.77 -19.37
C ARG A 265 16.88 38.03 -20.73
N LYS A 266 17.68 37.85 -21.77
CA LYS A 266 17.23 38.12 -23.12
C LYS A 266 16.75 36.93 -23.91
N PHE A 267 16.74 35.76 -23.28
CA PHE A 267 16.31 34.50 -23.93
C PHE A 267 14.92 34.68 -24.51
N ASN A 268 14.75 34.23 -25.74
CA ASN A 268 13.47 34.39 -26.42
C ASN A 268 12.46 33.25 -26.26
N LYS A 269 12.77 32.31 -25.37
CA LYS A 269 11.88 31.16 -25.14
C LYS A 269 11.41 31.08 -23.70
N GLU A 270 10.34 30.32 -23.48
CA GLU A 270 9.77 30.15 -22.15
C GLU A 270 10.65 29.33 -21.21
N LEU A 271 10.78 29.79 -19.97
CA LEU A 271 11.55 29.08 -18.95
C LEU A 271 10.66 29.08 -17.69
N LYS A 272 10.25 27.89 -17.23
CA LYS A 272 9.35 27.80 -16.08
C LYS A 272 10.08 27.64 -14.74
N TYR A 273 11.39 27.38 -14.79
CA TYR A 273 12.14 27.21 -13.57
C TYR A 273 13.42 28.04 -13.60
N TYR A 274 14.26 27.73 -14.59
CA TYR A 274 15.56 28.35 -14.75
C TYR A 274 15.56 29.86 -15.04
N ASN A 275 16.44 30.57 -14.33
CA ASN A 275 16.62 32.02 -14.54
C ASN A 275 18.02 32.41 -14.05
N GLU A 276 18.42 33.66 -14.32
CA GLU A 276 19.76 34.13 -13.94
C GLU A 276 20.16 33.92 -12.48
N GLU A 277 19.24 34.18 -11.55
CA GLU A 277 19.49 34.02 -10.12
C GLU A 277 19.63 32.57 -9.71
N VAL A 278 18.77 31.72 -10.27
CA VAL A 278 18.79 30.30 -9.98
C VAL A 278 20.07 29.65 -10.49
N HIS A 279 20.58 30.13 -11.62
CA HIS A 279 21.80 29.57 -12.18
C HIS A 279 22.94 29.66 -11.15
N VAL A 280 23.18 30.87 -10.67
CA VAL A 280 24.25 31.08 -9.69
C VAL A 280 23.92 30.43 -8.36
N ALA A 281 22.65 30.51 -7.96
CA ALA A 281 22.21 29.95 -6.68
C ALA A 281 22.33 28.43 -6.60
N SER A 282 22.11 27.75 -7.72
CA SER A 282 22.16 26.29 -7.73
C SER A 282 23.51 25.72 -7.34
N PHE A 283 24.57 26.52 -7.50
CA PHE A 283 25.91 26.06 -7.15
C PHE A 283 26.27 26.16 -5.67
N ALA A 284 25.36 26.73 -4.88
CA ALA A 284 25.57 26.87 -3.44
C ALA A 284 25.19 25.56 -2.78
N LEU A 285 26.17 24.87 -2.22
CA LEU A 285 25.91 23.58 -1.58
C LEU A 285 25.79 23.59 -0.07
N PRO A 286 24.78 22.88 0.47
CA PRO A 286 24.59 22.82 1.93
C PRO A 286 25.81 22.10 2.51
N ASN A 287 26.11 22.35 3.78
CA ASN A 287 27.27 21.72 4.40
C ASN A 287 27.40 20.20 4.28
N PHE A 288 26.32 19.46 4.52
CA PHE A 288 26.41 17.99 4.43
C PHE A 288 26.81 17.52 3.03
N VAL A 289 26.42 18.28 2.00
CA VAL A 289 26.79 17.93 0.62
C VAL A 289 28.27 18.23 0.41
N LYS A 290 28.72 19.39 0.89
CA LYS A 290 30.11 19.79 0.78
C LYS A 290 30.99 18.74 1.47
N LYS A 291 30.52 18.26 2.62
CA LYS A 291 31.26 17.27 3.40
C LYS A 291 31.40 15.95 2.64
N GLU A 292 30.34 15.54 1.96
CA GLU A 292 30.37 14.30 1.19
C GLU A 292 31.41 14.39 0.07
N LEU A 293 31.46 15.54 -0.60
CA LEU A 293 32.37 15.78 -1.71
C LEU A 293 33.80 16.12 -1.27
N GLY A 294 33.99 16.31 0.03
CA GLY A 294 35.30 16.64 0.56
C GLY A 294 35.71 18.08 0.39
N LEU A 295 34.74 18.99 0.45
CA LEU A 295 35.02 20.42 0.30
C LEU A 295 34.99 21.12 1.67
N MET A 296 33.98 20.82 2.49
CA MET A 296 33.84 21.42 3.83
C MET A 296 32.64 20.88 4.62
N ARG B 2 12.47 -1.97 -34.99
CA ARG B 2 12.33 -0.53 -35.33
C ARG B 2 10.94 0.03 -34.99
N THR B 3 9.91 -0.72 -35.33
CA THR B 3 8.51 -0.33 -35.08
C THR B 3 8.10 -0.65 -33.63
N LEU B 4 7.13 0.10 -33.11
CA LEU B 4 6.64 -0.08 -31.74
C LEU B 4 6.24 -1.53 -31.45
N LYS B 5 5.35 -2.08 -32.27
CA LYS B 5 4.90 -3.48 -32.09
C LYS B 5 6.06 -4.46 -32.25
N GLU B 6 6.98 -4.15 -33.16
CA GLU B 6 8.16 -4.98 -33.42
C GLU B 6 9.13 -5.01 -32.24
N LEU B 7 9.09 -3.97 -31.40
CA LEU B 7 9.98 -3.87 -30.25
C LEU B 7 9.38 -4.44 -28.96
N GLU B 8 8.06 -4.61 -28.95
CA GLU B 8 7.38 -5.12 -27.76
C GLU B 8 7.67 -6.58 -27.50
N ARG B 9 7.73 -6.92 -26.20
CA ARG B 9 7.96 -8.28 -25.76
C ARG B 9 6.92 -8.64 -24.70
N GLU B 10 6.91 -9.89 -24.24
CA GLU B 10 5.95 -10.30 -23.21
C GLU B 10 6.14 -9.43 -21.97
N LEU B 11 5.05 -8.87 -21.48
CA LEU B 11 5.08 -8.00 -20.31
C LEU B 11 5.34 -8.79 -19.02
N GLN B 12 6.36 -8.38 -18.28
CA GLN B 12 6.74 -9.05 -17.04
C GLN B 12 6.25 -8.30 -15.80
N PRO B 13 5.66 -9.03 -14.84
CA PRO B 13 5.16 -8.41 -13.60
C PRO B 13 6.23 -7.95 -12.64
N ARG B 14 6.06 -6.75 -12.07
CA ARG B 14 7.02 -6.22 -11.12
C ARG B 14 6.30 -5.91 -9.79
N GLN B 15 6.87 -5.04 -8.96
CA GLN B 15 6.24 -4.76 -7.67
C GLN B 15 5.73 -3.35 -7.51
N HIS B 16 5.40 -2.72 -8.65
CA HIS B 16 4.95 -1.35 -8.63
C HIS B 16 3.46 -1.06 -8.88
N LEU B 17 2.74 -1.96 -9.55
CA LEU B 17 1.32 -1.72 -9.83
C LEU B 17 0.46 -2.62 -8.95
N TRP B 18 -0.48 -1.99 -8.24
CA TRP B 18 -1.36 -2.71 -7.33
C TRP B 18 -2.82 -2.27 -7.35
N TYR B 19 -3.66 -3.24 -7.02
CA TYR B 19 -5.10 -3.07 -6.88
C TYR B 19 -5.38 -3.33 -5.40
N PHE B 20 -6.02 -2.37 -4.74
CA PHE B 20 -6.40 -2.50 -3.33
C PHE B 20 -7.93 -2.51 -3.23
N GLU B 21 -8.48 -3.58 -2.66
CA GLU B 21 -9.91 -3.68 -2.47
C GLU B 21 -10.22 -3.49 -1.00
N TYR B 22 -10.87 -2.38 -0.66
CA TYR B 22 -11.22 -2.14 0.75
C TYR B 22 -12.54 -2.80 1.11
N TYR B 23 -12.58 -3.48 2.26
CA TYR B 23 -13.81 -4.11 2.70
C TYR B 23 -14.66 -3.11 3.47
N THR B 24 -15.91 -3.48 3.71
CA THR B 24 -16.84 -2.62 4.44
C THR B 24 -16.21 -2.25 5.76
N GLY B 25 -16.07 -0.94 5.97
CA GLY B 25 -15.46 -0.42 7.18
C GLY B 25 -14.11 0.22 6.90
N ASN B 26 -13.50 -0.19 5.80
CA ASN B 26 -12.19 0.33 5.36
C ASN B 26 -11.05 0.04 6.34
N ASN B 27 -11.22 -1.00 7.14
CA ASN B 27 -10.21 -1.41 8.12
C ASN B 27 -9.39 -2.63 7.67
N VAL B 28 -9.91 -3.38 6.69
CA VAL B 28 -9.25 -4.58 6.16
C VAL B 28 -9.53 -4.61 4.66
N GLY B 29 -8.68 -5.32 3.92
CA GLY B 29 -8.89 -5.42 2.48
C GLY B 29 -7.93 -6.38 1.83
N LEU B 30 -8.12 -6.57 0.53
CA LEU B 30 -7.29 -7.48 -0.24
C LEU B 30 -6.48 -6.67 -1.25
N PHE B 31 -5.24 -7.07 -1.49
CA PHE B 31 -4.43 -6.40 -2.50
C PHE B 31 -3.99 -7.41 -3.55
N MET B 32 -3.85 -6.94 -4.79
CA MET B 32 -3.47 -7.80 -5.90
C MET B 32 -2.47 -7.08 -6.79
N LYS B 33 -1.44 -7.82 -7.20
CA LYS B 33 -0.44 -7.27 -8.12
C LYS B 33 -1.11 -7.19 -9.50
N MET B 34 -0.81 -6.13 -10.25
CA MET B 34 -1.36 -6.02 -11.60
C MET B 34 -0.22 -6.07 -12.62
N ASN B 35 -0.26 -7.06 -13.52
CA ASN B 35 0.75 -7.11 -14.57
C ASN B 35 0.39 -6.06 -15.63
N ARG B 36 -0.90 -5.90 -15.89
CA ARG B 36 -1.37 -4.91 -16.84
C ARG B 36 -2.84 -4.63 -16.58
N VAL B 37 -3.31 -3.47 -17.04
CA VAL B 37 -4.72 -3.11 -16.90
C VAL B 37 -5.25 -3.29 -18.31
N ILE B 38 -6.26 -4.13 -18.45
CA ILE B 38 -6.86 -4.44 -19.74
C ILE B 38 -7.86 -3.37 -20.18
N TYR B 39 -8.69 -2.94 -19.24
CA TYR B 39 -9.73 -1.96 -19.52
C TYR B 39 -10.16 -1.17 -18.27
N SER B 40 -10.35 0.14 -18.44
CA SER B 40 -10.85 1.02 -17.38
C SER B 40 -11.87 1.89 -18.09
N GLY B 41 -13.10 1.89 -17.58
CA GLY B 41 -14.15 2.68 -18.21
C GLY B 41 -15.15 3.12 -17.16
N GLN B 42 -15.88 4.19 -17.47
CA GLN B 42 -16.86 4.75 -16.56
C GLN B 42 -18.18 4.92 -17.29
N SER B 43 -19.26 4.44 -16.68
CA SER B 43 -20.58 4.60 -17.26
C SER B 43 -21.29 5.64 -16.39
N ASP B 44 -22.57 5.89 -16.69
CA ASP B 44 -23.36 6.82 -15.91
C ASP B 44 -23.61 6.24 -14.53
N ILE B 45 -23.38 4.94 -14.40
CA ILE B 45 -23.66 4.25 -13.15
C ILE B 45 -22.48 3.91 -12.26
N GLN B 46 -21.36 3.52 -12.87
CA GLN B 46 -20.20 3.11 -12.07
C GLN B 46 -18.93 2.95 -12.91
N ARG B 47 -17.84 2.65 -12.22
CA ARG B 47 -16.55 2.45 -12.84
C ARG B 47 -16.18 0.97 -12.98
N ILE B 48 -15.70 0.59 -14.17
CA ILE B 48 -15.27 -0.77 -14.47
C ILE B 48 -13.76 -0.82 -14.63
N ASP B 49 -13.13 -1.79 -13.97
CA ASP B 49 -11.71 -2.02 -14.17
C ASP B 49 -11.48 -3.50 -14.40
N ILE B 50 -10.74 -3.81 -15.45
CA ILE B 50 -10.42 -5.20 -15.77
C ILE B 50 -8.89 -5.24 -15.90
N PHE B 51 -8.25 -6.11 -15.14
CA PHE B 51 -6.79 -6.21 -15.16
C PHE B 51 -6.32 -7.65 -15.04
N GLU B 52 -5.02 -7.87 -15.20
CA GLU B 52 -4.44 -9.20 -15.14
C GLU B 52 -3.50 -9.36 -13.93
N ASN B 53 -3.77 -10.40 -13.14
CA ASN B 53 -2.96 -10.73 -11.96
C ASN B 53 -2.27 -12.07 -12.30
N PRO B 54 -0.96 -12.19 -12.01
CA PRO B 54 -0.23 -13.43 -12.32
C PRO B 54 -0.85 -14.73 -11.79
N ASP B 55 -1.49 -14.67 -10.63
CA ASP B 55 -2.10 -15.87 -10.06
C ASP B 55 -3.56 -16.08 -10.36
N LEU B 56 -4.34 -15.01 -10.31
CA LEU B 56 -5.78 -15.08 -10.50
C LEU B 56 -6.26 -14.94 -11.94
N GLY B 57 -5.37 -14.49 -12.82
CA GLY B 57 -5.73 -14.30 -14.21
C GLY B 57 -6.46 -12.98 -14.36
N VAL B 58 -7.44 -12.93 -15.25
CA VAL B 58 -8.19 -11.68 -15.45
C VAL B 58 -9.10 -11.41 -14.26
N VAL B 59 -9.06 -10.18 -13.76
CA VAL B 59 -9.86 -9.75 -12.62
C VAL B 59 -10.75 -8.59 -13.07
N PHE B 60 -12.02 -8.67 -12.69
CA PHE B 60 -13.04 -7.66 -13.03
C PHE B 60 -13.53 -7.04 -11.72
N ALA B 61 -13.42 -5.71 -11.62
CA ALA B 61 -13.87 -4.97 -10.44
C ALA B 61 -14.85 -3.85 -10.83
N LEU B 62 -15.82 -3.60 -9.95
CA LEU B 62 -16.80 -2.51 -10.14
C LEU B 62 -16.64 -1.58 -8.95
N ASP B 63 -16.34 -0.31 -9.21
CA ASP B 63 -16.13 0.68 -8.15
C ASP B 63 -15.12 0.19 -7.11
N GLY B 64 -14.06 -0.47 -7.59
CA GLY B 64 -13.03 -0.96 -6.70
C GLY B 64 -13.42 -2.12 -5.81
N ILE B 65 -14.44 -2.87 -6.22
CA ILE B 65 -14.90 -4.04 -5.50
C ILE B 65 -14.72 -5.22 -6.45
N THR B 66 -14.07 -6.28 -5.99
CA THR B 66 -13.81 -7.44 -6.86
C THR B 66 -15.11 -8.18 -7.21
N MET B 67 -15.37 -8.35 -8.50
CA MET B 67 -16.59 -9.03 -8.98
C MET B 67 -16.27 -10.46 -9.44
N THR B 68 -15.24 -10.60 -10.28
CA THR B 68 -14.84 -11.93 -10.75
C THR B 68 -13.34 -12.02 -10.94
N THR B 69 -12.88 -13.25 -10.81
CA THR B 69 -11.49 -13.60 -11.00
C THR B 69 -11.54 -14.87 -11.86
N GLU B 70 -10.72 -14.97 -12.89
CA GLU B 70 -10.74 -16.17 -13.74
C GLU B 70 -10.46 -17.47 -13.00
N LYS B 71 -9.62 -17.39 -11.97
CA LYS B 71 -9.25 -18.58 -11.22
C LYS B 71 -10.36 -19.20 -10.38
N ASP B 72 -11.24 -18.36 -9.83
CA ASP B 72 -12.26 -18.93 -8.95
C ASP B 72 -13.72 -18.52 -9.13
N GLU B 73 -14.05 -17.77 -10.18
CA GLU B 73 -15.45 -17.36 -10.34
C GLU B 73 -16.42 -18.53 -10.36
N PHE B 74 -15.96 -19.70 -10.81
CA PHE B 74 -16.80 -20.89 -10.86
C PHE B 74 -17.40 -21.24 -9.50
N MET B 75 -16.66 -20.97 -8.41
CA MET B 75 -17.16 -21.31 -7.06
C MET B 75 -18.45 -20.56 -6.72
N TYR B 76 -18.46 -19.28 -7.09
CA TYR B 76 -19.60 -18.43 -6.83
C TYR B 76 -20.74 -18.72 -7.79
N HIS B 77 -20.46 -18.68 -9.09
CA HIS B 77 -21.50 -18.93 -10.07
C HIS B 77 -22.15 -20.30 -9.99
N GLU B 78 -21.38 -21.35 -9.64
CA GLU B 78 -21.99 -22.67 -9.55
C GLU B 78 -22.92 -22.79 -8.34
N MET B 79 -22.55 -22.18 -7.22
CA MET B 79 -23.39 -22.27 -6.02
C MET B 79 -24.64 -21.41 -6.12
N LEU B 80 -24.50 -20.22 -6.70
CA LEU B 80 -25.64 -19.34 -6.85
C LEU B 80 -26.66 -19.92 -7.83
N ALA B 81 -26.17 -20.53 -8.90
CA ALA B 81 -27.06 -21.08 -9.93
C ALA B 81 -27.56 -22.51 -9.79
N HIS B 82 -26.67 -23.45 -9.51
CA HIS B 82 -27.08 -24.84 -9.47
C HIS B 82 -27.97 -25.30 -8.34
N VAL B 83 -27.88 -24.66 -7.18
CA VAL B 83 -28.74 -25.04 -6.07
C VAL B 83 -30.22 -24.85 -6.51
N PRO B 84 -30.61 -23.66 -6.98
CA PRO B 84 -32.02 -23.54 -7.39
C PRO B 84 -32.37 -24.29 -8.69
N MET B 85 -31.46 -24.30 -9.66
CA MET B 85 -31.74 -25.00 -10.91
C MET B 85 -32.04 -26.49 -10.73
N PHE B 86 -31.21 -27.19 -9.96
CA PHE B 86 -31.41 -28.61 -9.72
C PHE B 86 -32.63 -28.90 -8.82
N LEU B 87 -32.98 -27.95 -7.97
CA LEU B 87 -34.14 -28.14 -7.10
C LEU B 87 -35.45 -27.97 -7.86
N HIS B 88 -35.46 -27.17 -8.92
CA HIS B 88 -36.69 -27.00 -9.68
C HIS B 88 -36.96 -28.28 -10.47
N PRO B 89 -38.22 -28.73 -10.51
CA PRO B 89 -38.54 -29.95 -11.26
C PRO B 89 -38.36 -29.89 -12.78
N ASN B 90 -38.46 -28.71 -13.39
CA ASN B 90 -38.31 -28.60 -14.85
C ASN B 90 -38.20 -27.12 -15.17
N PRO B 91 -37.02 -26.54 -14.92
CA PRO B 91 -36.81 -25.11 -15.17
C PRO B 91 -36.63 -24.72 -16.64
N LYS B 92 -37.66 -24.06 -17.16
CA LYS B 92 -37.69 -23.64 -18.56
C LYS B 92 -37.48 -22.14 -18.77
N LYS B 93 -38.03 -21.32 -17.88
CA LYS B 93 -37.91 -19.87 -17.99
C LYS B 93 -37.21 -19.31 -16.76
N VAL B 94 -36.03 -18.74 -16.97
CA VAL B 94 -35.21 -18.20 -15.88
C VAL B 94 -34.95 -16.71 -16.05
N LEU B 95 -34.96 -15.99 -14.93
CA LEU B 95 -34.67 -14.57 -14.90
C LEU B 95 -33.50 -14.38 -13.94
N ILE B 96 -32.43 -13.78 -14.47
CA ILE B 96 -31.23 -13.48 -13.68
C ILE B 96 -31.14 -11.95 -13.63
N ILE B 97 -31.04 -11.41 -12.41
CA ILE B 97 -30.94 -9.97 -12.21
C ILE B 97 -29.50 -9.70 -11.74
N GLY B 98 -28.85 -8.78 -12.43
CA GLY B 98 -27.46 -8.46 -12.16
C GLY B 98 -26.70 -9.34 -13.16
N GLY B 99 -25.65 -10.00 -12.67
CA GLY B 99 -24.84 -10.90 -13.48
C GLY B 99 -24.34 -10.41 -14.82
N GLY B 100 -23.92 -9.15 -14.88
CA GLY B 100 -23.43 -8.58 -16.12
C GLY B 100 -22.23 -9.29 -16.74
N ASP B 101 -21.43 -9.95 -15.90
CA ASP B 101 -20.26 -10.69 -16.38
C ASP B 101 -20.68 -11.91 -17.17
N GLY B 102 -21.87 -12.44 -16.87
CA GLY B 102 -22.38 -13.60 -17.59
C GLY B 102 -22.21 -14.96 -16.92
N GLY B 103 -21.42 -15.04 -15.85
CA GLY B 103 -21.16 -16.30 -15.17
C GLY B 103 -22.38 -17.10 -14.75
N THR B 104 -23.34 -16.43 -14.12
CA THR B 104 -24.55 -17.12 -13.68
C THR B 104 -25.32 -17.61 -14.91
N LEU B 105 -25.39 -16.77 -15.93
CA LEU B 105 -26.08 -17.13 -17.18
C LEU B 105 -25.43 -18.38 -17.78
N ARG B 106 -24.10 -18.44 -17.76
CA ARG B 106 -23.36 -19.58 -18.30
C ARG B 106 -23.74 -20.85 -17.55
N GLU B 107 -23.82 -20.79 -16.23
CA GLU B 107 -24.17 -21.98 -15.46
C GLU B 107 -25.61 -22.42 -15.70
N VAL B 108 -26.53 -21.47 -15.71
CA VAL B 108 -27.95 -21.74 -15.94
C VAL B 108 -28.12 -22.44 -17.30
N LEU B 109 -27.42 -21.95 -18.31
CA LEU B 109 -27.52 -22.51 -19.66
C LEU B 109 -27.04 -23.97 -19.80
N LYS B 110 -26.37 -24.48 -18.77
CA LYS B 110 -25.90 -25.87 -18.79
C LYS B 110 -27.08 -26.82 -18.58
N HIS B 111 -28.19 -26.30 -18.04
CA HIS B 111 -29.37 -27.13 -17.80
C HIS B 111 -30.19 -27.22 -19.09
N ASP B 112 -30.28 -28.43 -19.66
CA ASP B 112 -30.99 -28.65 -20.92
C ASP B 112 -32.47 -28.23 -20.97
N SER B 113 -33.14 -28.23 -19.82
CA SER B 113 -34.55 -27.87 -19.76
C SER B 113 -34.81 -26.39 -20.07
N VAL B 114 -33.79 -25.55 -19.89
CA VAL B 114 -33.94 -24.12 -20.13
C VAL B 114 -34.31 -23.76 -21.56
N GLU B 115 -35.38 -22.97 -21.71
CA GLU B 115 -35.85 -22.53 -23.01
C GLU B 115 -35.55 -21.04 -23.20
N LYS B 116 -35.58 -20.30 -22.10
CA LYS B 116 -35.30 -18.88 -22.16
C LYS B 116 -34.66 -18.43 -20.85
N ALA B 117 -33.57 -17.70 -20.96
CA ALA B 117 -32.88 -17.16 -19.79
C ALA B 117 -32.67 -15.68 -20.05
N ILE B 118 -33.34 -14.85 -19.26
CA ILE B 118 -33.23 -13.41 -19.41
C ILE B 118 -32.17 -12.89 -18.44
N LEU B 119 -31.24 -12.10 -18.95
CA LEU B 119 -30.19 -11.52 -18.11
C LEU B 119 -30.53 -10.05 -18.06
N CYS B 120 -30.97 -9.59 -16.88
CA CYS B 120 -31.38 -8.20 -16.70
C CYS B 120 -30.28 -7.43 -15.96
N GLU B 121 -29.49 -6.69 -16.74
CA GLU B 121 -28.36 -5.93 -16.21
C GLU B 121 -28.63 -4.42 -16.31
N VAL B 122 -28.43 -3.70 -15.22
CA VAL B 122 -28.71 -2.26 -15.22
C VAL B 122 -27.75 -1.39 -16.02
N ASP B 123 -26.50 -1.85 -16.18
CA ASP B 123 -25.48 -1.06 -16.88
C ASP B 123 -25.02 -1.70 -18.19
N GLY B 124 -25.40 -1.08 -19.31
CA GLY B 124 -25.01 -1.60 -20.60
C GLY B 124 -23.50 -1.67 -20.80
N LEU B 125 -22.76 -0.79 -20.14
CA LEU B 125 -21.30 -0.79 -20.29
C LEU B 125 -20.70 -2.06 -19.71
N VAL B 126 -21.31 -2.58 -18.64
CA VAL B 126 -20.84 -3.85 -18.07
C VAL B 126 -21.03 -4.97 -19.09
N ILE B 127 -22.19 -5.02 -19.75
CA ILE B 127 -22.43 -6.05 -20.75
C ILE B 127 -21.39 -5.94 -21.87
N GLU B 128 -21.19 -4.73 -22.40
CA GLU B 128 -20.22 -4.59 -23.50
C GLU B 128 -18.77 -4.92 -23.10
N ALA B 129 -18.39 -4.55 -21.88
CA ALA B 129 -17.04 -4.83 -21.38
C ALA B 129 -16.88 -6.33 -21.17
N ALA B 130 -17.93 -6.99 -20.67
CA ALA B 130 -17.86 -8.43 -20.42
C ALA B 130 -17.79 -9.20 -21.74
N ARG B 131 -18.54 -8.73 -22.73
CA ARG B 131 -18.56 -9.38 -24.03
C ARG B 131 -17.18 -9.33 -24.68
N LYS B 132 -16.49 -8.21 -24.51
CA LYS B 132 -15.18 -8.03 -25.14
C LYS B 132 -13.97 -8.55 -24.35
N TYR B 133 -13.99 -8.36 -23.04
CA TYR B 133 -12.86 -8.74 -22.20
C TYR B 133 -13.02 -9.90 -21.20
N LEU B 134 -14.25 -10.35 -20.97
CA LEU B 134 -14.47 -11.41 -19.99
C LEU B 134 -15.13 -12.60 -20.66
N LYS B 135 -14.46 -13.11 -21.68
CA LYS B 135 -14.96 -14.22 -22.50
C LYS B 135 -15.29 -15.47 -21.71
N GLN B 136 -14.54 -15.73 -20.65
CA GLN B 136 -14.78 -16.93 -19.87
C GLN B 136 -16.18 -16.97 -19.25
N THR B 137 -16.69 -15.80 -18.88
CA THR B 137 -18.02 -15.71 -18.28
C THR B 137 -19.13 -15.25 -19.22
N SER B 138 -18.79 -14.45 -20.23
CA SER B 138 -19.78 -13.92 -21.16
C SER B 138 -20.02 -14.81 -22.38
N CYS B 139 -19.50 -16.04 -22.33
CA CYS B 139 -19.65 -16.97 -23.45
C CYS B 139 -21.10 -17.34 -23.82
N GLY B 140 -22.03 -17.16 -22.88
CA GLY B 140 -23.43 -17.48 -23.15
C GLY B 140 -24.26 -16.33 -23.71
N PHE B 141 -23.65 -15.15 -23.88
CA PHE B 141 -24.34 -13.98 -24.41
C PHE B 141 -24.99 -14.23 -25.76
N ASP B 142 -24.34 -15.02 -26.60
CA ASP B 142 -24.86 -15.31 -27.94
C ASP B 142 -25.77 -16.54 -28.07
N ASP B 143 -25.96 -17.26 -26.97
CA ASP B 143 -26.82 -18.43 -26.98
C ASP B 143 -28.24 -17.94 -27.34
N PRO B 144 -28.93 -18.62 -28.28
CA PRO B 144 -30.28 -18.20 -28.66
C PRO B 144 -31.26 -18.18 -27.51
N ARG B 145 -30.99 -18.98 -26.47
CA ARG B 145 -31.88 -19.05 -25.32
C ARG B 145 -31.71 -17.86 -24.39
N ALA B 146 -30.58 -17.16 -24.54
CA ALA B 146 -30.30 -15.99 -23.72
C ALA B 146 -30.89 -14.69 -24.26
N GLU B 147 -31.44 -13.87 -23.38
CA GLU B 147 -31.96 -12.58 -23.78
C GLU B 147 -31.42 -11.54 -22.80
N ILE B 148 -30.61 -10.62 -23.30
CA ILE B 148 -30.03 -9.57 -22.47
C ILE B 148 -30.91 -8.33 -22.50
N VAL B 149 -31.30 -7.88 -21.31
CA VAL B 149 -32.14 -6.70 -21.15
C VAL B 149 -31.38 -5.70 -20.27
N ILE B 150 -31.30 -4.46 -20.71
CA ILE B 150 -30.64 -3.41 -19.94
C ILE B 150 -31.78 -2.68 -19.20
N ALA B 151 -31.87 -2.94 -17.90
CA ALA B 151 -32.90 -2.36 -17.05
C ALA B 151 -32.59 -2.56 -15.58
N ASN B 152 -33.28 -1.79 -14.74
CA ASN B 152 -33.16 -1.91 -13.29
C ASN B 152 -34.01 -3.14 -12.99
N GLY B 153 -33.39 -4.17 -12.43
CA GLY B 153 -34.10 -5.40 -12.11
C GLY B 153 -35.36 -5.24 -11.25
N ALA B 154 -35.34 -4.29 -10.32
CA ALA B 154 -36.49 -4.07 -9.45
C ALA B 154 -37.69 -3.50 -10.24
N GLU B 155 -37.40 -2.81 -11.34
CA GLU B 155 -38.47 -2.24 -12.18
C GLU B 155 -38.89 -3.28 -13.21
N TYR B 156 -37.91 -3.98 -13.77
CA TYR B 156 -38.17 -4.99 -14.78
C TYR B 156 -39.00 -6.18 -14.30
N VAL B 157 -38.69 -6.70 -13.12
CA VAL B 157 -39.40 -7.86 -12.60
C VAL B 157 -40.89 -7.61 -12.33
N ARG B 158 -41.25 -6.39 -11.95
CA ARG B 158 -42.66 -6.12 -11.67
C ARG B 158 -43.55 -6.08 -12.91
N LYS B 159 -42.95 -6.27 -14.08
CA LYS B 159 -43.72 -6.31 -15.34
C LYS B 159 -44.28 -7.72 -15.55
N PHE B 160 -43.91 -8.65 -14.66
CA PHE B 160 -44.29 -10.04 -14.80
C PHE B 160 -45.05 -10.64 -13.63
N LYS B 161 -45.95 -11.56 -13.95
CA LYS B 161 -46.76 -12.26 -12.96
C LYS B 161 -46.91 -13.71 -13.40
N ASN B 162 -46.61 -14.65 -12.49
CA ASN B 162 -46.76 -16.07 -12.78
C ASN B 162 -46.07 -16.43 -14.10
N GLU B 163 -44.85 -15.91 -14.26
CA GLU B 163 -44.09 -16.09 -15.48
C GLU B 163 -42.83 -16.97 -15.45
N PHE B 164 -42.02 -16.83 -14.41
CA PHE B 164 -40.76 -17.57 -14.33
C PHE B 164 -40.74 -18.79 -13.43
N ASP B 165 -39.89 -19.74 -13.77
CA ASP B 165 -39.71 -20.95 -12.97
C ASP B 165 -38.63 -20.68 -11.92
N VAL B 166 -37.63 -19.87 -12.31
CA VAL B 166 -36.50 -19.58 -11.45
C VAL B 166 -36.09 -18.12 -11.55
N ILE B 167 -35.74 -17.52 -10.41
CA ILE B 167 -35.26 -16.15 -10.38
C ILE B 167 -33.99 -16.19 -9.52
N ILE B 168 -32.92 -15.58 -10.05
CA ILE B 168 -31.63 -15.55 -9.35
C ILE B 168 -31.15 -14.11 -9.29
N ILE B 169 -30.79 -13.66 -8.09
CA ILE B 169 -30.31 -12.32 -7.89
C ILE B 169 -28.79 -12.40 -7.68
N ASP B 170 -28.04 -11.91 -8.66
CA ASP B 170 -26.59 -11.93 -8.65
C ASP B 170 -26.08 -10.63 -7.97
N SER B 171 -24.77 -10.53 -7.68
CA SER B 171 -24.23 -9.34 -6.99
C SER B 171 -24.09 -8.05 -7.80
N HIS B 181 -31.68 -1.28 -4.64
CA HIS B 181 -33.05 -1.49 -5.11
C HIS B 181 -33.40 -2.98 -5.08
N LEU B 182 -32.38 -3.82 -5.22
CA LEU B 182 -32.53 -5.27 -5.27
C LEU B 182 -32.54 -5.97 -3.93
N PHE B 183 -32.82 -5.23 -2.86
CA PHE B 183 -32.82 -5.80 -1.52
C PHE B 183 -33.99 -5.36 -0.62
N THR B 184 -35.03 -4.77 -1.22
CA THR B 184 -36.20 -4.32 -0.44
C THR B 184 -37.26 -5.41 -0.35
N GLU B 185 -38.12 -5.33 0.66
CA GLU B 185 -39.17 -6.33 0.82
C GLU B 185 -40.14 -6.30 -0.37
N GLU B 186 -40.37 -5.11 -0.93
CA GLU B 186 -41.28 -4.99 -2.08
C GLU B 186 -40.64 -5.63 -3.32
N PHE B 187 -39.31 -5.56 -3.40
CA PHE B 187 -38.62 -6.18 -4.52
C PHE B 187 -38.77 -7.71 -4.44
N TYR B 188 -38.54 -8.26 -3.25
CA TYR B 188 -38.67 -9.70 -3.05
C TYR B 188 -40.09 -10.16 -3.32
N GLN B 189 -41.07 -9.33 -2.92
CA GLN B 189 -42.48 -9.64 -3.17
C GLN B 189 -42.72 -9.65 -4.68
N ALA B 190 -42.12 -8.70 -5.39
CA ALA B 190 -42.26 -8.65 -6.86
C ALA B 190 -41.66 -9.91 -7.51
N CYS B 191 -40.58 -10.45 -6.94
CA CYS B 191 -39.98 -11.67 -7.48
C CYS B 191 -40.93 -12.82 -7.21
N TYR B 192 -41.50 -12.85 -6.01
CA TYR B 192 -42.45 -13.89 -5.64
C TYR B 192 -43.65 -13.90 -6.62
N ASP B 193 -44.22 -12.72 -6.87
CA ASP B 193 -45.36 -12.59 -7.76
C ASP B 193 -45.03 -12.96 -9.21
N ALA B 194 -43.78 -12.72 -9.60
CA ALA B 194 -43.31 -13.02 -10.96
C ALA B 194 -43.02 -14.50 -11.21
N LEU B 195 -42.83 -15.26 -10.13
CA LEU B 195 -42.58 -16.69 -10.23
C LEU B 195 -43.88 -17.45 -10.42
N LYS B 196 -43.78 -18.66 -10.95
CA LYS B 196 -44.96 -19.52 -11.12
C LYS B 196 -45.28 -20.11 -9.75
N GLU B 197 -46.34 -20.90 -9.65
CA GLU B 197 -46.75 -21.48 -8.36
C GLU B 197 -45.66 -22.35 -7.71
N ASP B 198 -44.87 -23.04 -8.52
CA ASP B 198 -43.80 -23.90 -8.02
C ASP B 198 -42.41 -23.35 -8.34
N GLY B 199 -42.30 -22.02 -8.41
CA GLY B 199 -41.03 -21.40 -8.75
C GLY B 199 -40.04 -21.39 -7.59
N VAL B 200 -38.76 -21.30 -7.93
CA VAL B 200 -37.70 -21.25 -6.91
C VAL B 200 -36.88 -19.98 -7.09
N PHE B 201 -36.07 -19.68 -6.09
CA PHE B 201 -35.32 -18.42 -6.07
C PHE B 201 -34.00 -18.57 -5.31
N SER B 202 -33.01 -17.78 -5.70
CA SER B 202 -31.75 -17.73 -4.97
C SER B 202 -31.21 -16.30 -5.13
N ALA B 203 -30.59 -15.80 -4.07
CA ALA B 203 -30.01 -14.47 -4.10
C ALA B 203 -28.69 -14.56 -3.35
N GLU B 204 -27.69 -13.86 -3.86
CA GLU B 204 -26.41 -13.85 -3.17
C GLU B 204 -26.64 -12.93 -1.96
N THR B 205 -26.32 -13.40 -0.76
CA THR B 205 -26.58 -12.60 0.42
C THR B 205 -25.40 -12.14 1.27
N GLU B 206 -24.23 -12.06 0.63
CA GLU B 206 -23.01 -11.53 1.25
C GLU B 206 -22.36 -12.41 2.33
N ASP B 207 -21.22 -11.91 2.82
CA ASP B 207 -20.48 -12.61 3.87
C ASP B 207 -21.02 -12.23 5.24
N PRO B 208 -21.29 -13.23 6.09
CA PRO B 208 -21.80 -12.95 7.44
C PRO B 208 -20.63 -12.61 8.36
N PHE B 209 -19.77 -11.70 7.90
CA PHE B 209 -18.58 -11.28 8.66
C PHE B 209 -18.51 -9.76 8.52
N TYR B 210 -17.88 -9.26 7.46
CA TYR B 210 -17.80 -7.80 7.26
C TYR B 210 -19.16 -7.18 6.91
N ASP B 211 -20.01 -7.96 6.27
CA ASP B 211 -21.32 -7.46 5.84
C ASP B 211 -22.48 -8.11 6.56
N ILE B 212 -22.27 -8.37 7.85
CA ILE B 212 -23.25 -9.02 8.71
C ILE B 212 -24.60 -8.29 8.78
N GLY B 213 -24.55 -6.94 8.78
CA GLY B 213 -25.76 -6.13 8.85
C GLY B 213 -26.69 -6.39 7.68
N TRP B 214 -26.11 -6.35 6.48
CA TRP B 214 -26.86 -6.58 5.25
C TRP B 214 -27.29 -8.03 5.11
N PHE B 215 -26.45 -8.97 5.56
CA PHE B 215 -26.76 -10.40 5.50
C PHE B 215 -28.04 -10.67 6.30
N LYS B 216 -28.10 -10.13 7.50
CA LYS B 216 -29.26 -10.32 8.37
C LYS B 216 -30.50 -9.68 7.78
N LEU B 217 -30.35 -8.48 7.26
CA LEU B 217 -31.48 -7.76 6.69
C LEU B 217 -32.04 -8.47 5.45
N ALA B 218 -31.16 -8.97 4.58
CA ALA B 218 -31.62 -9.68 3.39
C ALA B 218 -32.41 -10.91 3.77
N TYR B 219 -31.88 -11.69 4.71
CA TYR B 219 -32.56 -12.90 5.16
C TYR B 219 -33.94 -12.59 5.72
N ARG B 220 -34.01 -11.58 6.59
CA ARG B 220 -35.28 -11.18 7.21
C ARG B 220 -36.32 -10.80 6.16
N ARG B 221 -35.92 -9.95 5.22
CA ARG B 221 -36.81 -9.50 4.17
C ARG B 221 -37.26 -10.63 3.25
N ILE B 222 -36.33 -11.50 2.85
CA ILE B 222 -36.71 -12.62 1.99
C ILE B 222 -37.67 -13.56 2.73
N SER B 223 -37.39 -13.79 4.02
CA SER B 223 -38.19 -14.69 4.84
C SER B 223 -39.63 -14.19 5.08
N LYS B 224 -39.85 -12.88 4.94
CA LYS B 224 -41.19 -12.32 5.12
C LYS B 224 -42.06 -12.55 3.89
N VAL B 225 -41.43 -12.93 2.79
CA VAL B 225 -42.13 -13.16 1.53
C VAL B 225 -42.25 -14.63 1.14
N PHE B 226 -41.11 -15.35 1.13
CA PHE B 226 -41.09 -16.75 0.75
C PHE B 226 -41.32 -17.67 1.95
N PRO B 227 -42.25 -18.64 1.83
CA PRO B 227 -42.54 -19.56 2.93
C PRO B 227 -41.31 -20.39 3.26
N ILE B 228 -40.60 -20.79 2.21
CA ILE B 228 -39.36 -21.55 2.39
C ILE B 228 -38.22 -20.57 2.10
N THR B 229 -37.39 -20.29 3.11
CA THR B 229 -36.24 -19.40 2.98
C THR B 229 -35.12 -20.10 3.76
N ARG B 230 -34.04 -20.44 3.07
CA ARG B 230 -32.93 -21.17 3.70
C ARG B 230 -31.60 -20.64 3.24
N VAL B 231 -30.72 -20.34 4.20
CA VAL B 231 -29.40 -19.82 3.88
C VAL B 231 -28.41 -20.97 3.61
N TYR B 232 -27.61 -20.82 2.56
CA TYR B 232 -26.58 -21.82 2.30
C TYR B 232 -25.26 -21.08 2.12
N LEU B 233 -24.16 -21.80 2.31
CA LEU B 233 -22.85 -21.18 2.28
C LEU B 233 -21.89 -21.85 1.33
N GLY B 234 -20.93 -21.08 0.85
CA GLY B 234 -19.93 -21.64 -0.03
C GLY B 234 -18.64 -20.85 0.09
N PHE B 235 -17.54 -21.51 -0.27
CA PHE B 235 -16.25 -20.84 -0.28
C PHE B 235 -16.20 -19.94 -1.52
N MET B 236 -15.54 -18.79 -1.41
CA MET B 236 -15.41 -17.88 -2.55
C MET B 236 -14.07 -17.23 -2.19
N THR B 237 -13.03 -17.85 -2.73
CA THR B 237 -11.66 -17.52 -2.43
C THR B 237 -11.13 -16.13 -2.63
N THR B 238 -11.88 -15.26 -3.31
CA THR B 238 -11.42 -13.88 -3.47
C THR B 238 -12.45 -12.82 -3.07
N TYR B 239 -13.56 -13.25 -2.45
CA TYR B 239 -14.57 -12.31 -1.98
C TYR B 239 -14.23 -12.04 -0.51
N PRO B 240 -14.70 -10.91 0.03
CA PRO B 240 -14.41 -10.55 1.41
C PRO B 240 -14.73 -11.65 2.43
N SER B 241 -13.69 -12.05 3.17
CA SER B 241 -13.76 -13.08 4.21
C SER B 241 -13.67 -14.51 3.69
N GLY B 242 -13.98 -14.71 2.40
CA GLY B 242 -13.95 -16.06 1.85
C GLY B 242 -15.16 -16.91 2.22
N MET B 243 -16.03 -16.36 3.07
CA MET B 243 -17.22 -17.10 3.49
C MET B 243 -18.43 -16.41 2.88
N TRP B 244 -18.97 -16.98 1.81
CA TRP B 244 -20.10 -16.36 1.13
C TRP B 244 -21.40 -17.04 1.41
N SER B 245 -22.47 -16.25 1.54
CA SER B 245 -23.80 -16.81 1.77
C SER B 245 -24.71 -16.55 0.56
N TYR B 246 -25.68 -17.44 0.44
CA TYR B 246 -26.68 -17.42 -0.61
C TYR B 246 -27.97 -17.78 0.09
N THR B 247 -29.09 -17.26 -0.41
CA THR B 247 -30.38 -17.58 0.19
C THR B 247 -31.31 -18.21 -0.82
N PHE B 248 -31.65 -19.46 -0.57
CA PHE B 248 -32.57 -20.19 -1.42
C PHE B 248 -33.97 -19.89 -0.88
N ALA B 249 -34.93 -19.72 -1.79
CA ALA B 249 -36.29 -19.45 -1.36
C ALA B 249 -37.25 -20.10 -2.35
N SER B 250 -38.43 -20.45 -1.87
CA SER B 250 -39.42 -21.10 -2.75
C SER B 250 -40.80 -20.97 -2.15
N LYS B 251 -41.77 -21.53 -2.86
CA LYS B 251 -43.16 -21.51 -2.43
C LYS B 251 -43.57 -22.84 -1.82
N GLY B 252 -42.64 -23.78 -1.73
CA GLY B 252 -42.95 -25.08 -1.16
C GLY B 252 -41.83 -26.11 -1.28
N ILE B 253 -41.02 -25.98 -2.31
CA ILE B 253 -39.92 -26.91 -2.52
C ILE B 253 -38.85 -26.73 -1.44
N ASP B 254 -38.55 -27.82 -0.74
CA ASP B 254 -37.55 -27.82 0.33
C ASP B 254 -36.20 -28.19 -0.28
N PRO B 255 -35.15 -27.39 -0.01
CA PRO B 255 -33.81 -27.61 -0.57
C PRO B 255 -33.11 -28.92 -0.18
N ILE B 256 -33.55 -29.53 0.91
CA ILE B 256 -32.97 -30.78 1.36
C ILE B 256 -33.92 -31.93 1.10
N LYS B 257 -35.16 -31.77 1.57
CA LYS B 257 -36.17 -32.83 1.42
C LYS B 257 -36.59 -33.13 0.00
N ASP B 258 -36.58 -32.13 -0.88
CA ASP B 258 -36.96 -32.34 -2.27
C ASP B 258 -35.77 -32.39 -3.22
N PHE B 259 -34.57 -32.55 -2.68
CA PHE B 259 -33.36 -32.63 -3.51
C PHE B 259 -33.20 -34.04 -4.06
N ASP B 260 -32.93 -34.14 -5.36
CA ASP B 260 -32.72 -35.45 -5.97
C ASP B 260 -31.25 -35.51 -6.42
N PRO B 261 -30.41 -36.21 -5.63
CA PRO B 261 -28.97 -36.37 -5.88
C PRO B 261 -28.66 -36.95 -7.26
N GLU B 262 -29.54 -37.84 -7.73
CA GLU B 262 -29.34 -38.46 -9.03
C GLU B 262 -29.31 -37.49 -10.20
N LYS B 263 -30.07 -36.39 -10.11
CA LYS B 263 -30.08 -35.38 -11.18
C LYS B 263 -28.68 -34.77 -11.32
N VAL B 264 -28.00 -34.63 -10.19
CA VAL B 264 -26.65 -34.07 -10.21
C VAL B 264 -25.64 -35.12 -10.65
N ARG B 265 -25.76 -36.31 -10.08
CA ARG B 265 -24.83 -37.40 -10.43
C ARG B 265 -24.83 -37.68 -11.93
N LYS B 266 -26.00 -37.57 -12.55
CA LYS B 266 -26.15 -37.82 -13.98
C LYS B 266 -26.07 -36.60 -14.89
N PHE B 267 -25.73 -35.44 -14.32
CA PHE B 267 -25.63 -34.21 -15.10
C PHE B 267 -24.54 -34.39 -16.15
N ASN B 268 -24.84 -33.96 -17.37
CA ASN B 268 -23.90 -34.12 -18.49
C ASN B 268 -23.02 -32.92 -18.81
N LYS B 269 -22.88 -32.00 -17.86
CA LYS B 269 -22.06 -30.81 -18.06
C LYS B 269 -21.02 -30.72 -16.96
N GLU B 270 -19.96 -29.98 -17.24
CA GLU B 270 -18.87 -29.82 -16.30
C GLU B 270 -19.23 -29.01 -15.06
N LEU B 271 -18.84 -29.53 -13.90
CA LEU B 271 -19.05 -28.80 -12.64
C LEU B 271 -17.72 -28.87 -11.90
N LYS B 272 -17.15 -27.71 -11.58
CA LYS B 272 -15.87 -27.67 -10.92
C LYS B 272 -15.95 -27.52 -9.41
N TYR B 273 -17.13 -27.18 -8.91
CA TYR B 273 -17.33 -27.02 -7.46
C TYR B 273 -18.51 -27.85 -6.95
N TYR B 274 -19.68 -27.53 -7.48
CA TYR B 274 -20.94 -28.14 -7.09
C TYR B 274 -21.09 -29.64 -7.34
N ASN B 275 -21.60 -30.34 -6.33
CA ASN B 275 -21.89 -31.76 -6.45
C ASN B 275 -22.96 -32.09 -5.41
N GLU B 276 -23.50 -33.31 -5.46
CA GLU B 276 -24.57 -33.70 -4.54
C GLU B 276 -24.25 -33.61 -3.05
N GLU B 277 -23.02 -33.91 -2.65
CA GLU B 277 -22.67 -33.83 -1.22
C GLU B 277 -22.61 -32.38 -0.80
N VAL B 278 -22.01 -31.55 -1.66
CA VAL B 278 -21.87 -30.13 -1.37
C VAL B 278 -23.23 -29.43 -1.33
N HIS B 279 -24.19 -29.88 -2.14
CA HIS B 279 -25.53 -29.27 -2.14
C HIS B 279 -26.11 -29.32 -0.72
N VAL B 280 -26.18 -30.54 -0.18
CA VAL B 280 -26.72 -30.76 1.17
C VAL B 280 -25.85 -30.13 2.24
N ALA B 281 -24.53 -30.28 2.12
CA ALA B 281 -23.62 -29.71 3.14
C ALA B 281 -23.65 -28.20 3.23
N SER B 282 -23.90 -27.52 2.12
CA SER B 282 -23.91 -26.05 2.10
C SER B 282 -24.98 -25.47 3.00
N PHE B 283 -26.01 -26.25 3.30
CA PHE B 283 -27.09 -25.76 4.17
C PHE B 283 -26.80 -25.89 5.67
N ALA B 284 -25.67 -26.52 6.02
CA ALA B 284 -25.27 -26.66 7.42
C ALA B 284 -24.62 -25.34 7.86
N LEU B 285 -25.26 -24.64 8.80
CA LEU B 285 -24.75 -23.37 9.25
C LEU B 285 -24.02 -23.42 10.57
N PRO B 286 -22.83 -22.82 10.64
CA PRO B 286 -22.05 -22.80 11.89
C PRO B 286 -22.87 -22.04 12.96
N ASN B 287 -22.63 -22.34 14.23
CA ASN B 287 -23.36 -21.69 15.32
C ASN B 287 -23.46 -20.17 15.27
N PHE B 288 -22.35 -19.46 15.03
CA PHE B 288 -22.40 -17.99 15.00
C PHE B 288 -23.35 -17.45 13.94
N VAL B 289 -23.52 -18.20 12.85
CA VAL B 289 -24.42 -17.77 11.77
C VAL B 289 -25.85 -18.02 12.22
N LYS B 290 -26.09 -19.19 12.80
CA LYS B 290 -27.42 -19.54 13.30
C LYS B 290 -27.87 -18.49 14.33
N LYS B 291 -26.95 -18.10 15.20
CA LYS B 291 -27.24 -17.11 16.23
C LYS B 291 -27.61 -15.77 15.60
N GLU B 292 -26.88 -15.37 14.56
CA GLU B 292 -27.16 -14.11 13.89
C GLU B 292 -28.53 -14.07 13.22
N LEU B 293 -29.01 -15.22 12.76
CA LEU B 293 -30.31 -15.32 12.10
C LEU B 293 -31.43 -15.68 13.06
N GLY B 294 -31.07 -15.94 14.31
CA GLY B 294 -32.04 -16.30 15.32
C GLY B 294 -32.51 -17.74 15.21
N LEU B 295 -31.71 -18.60 14.59
CA LEU B 295 -32.05 -20.01 14.42
C LEU B 295 -31.44 -20.85 15.54
N MET B 296 -31.32 -20.21 16.71
CA MET B 296 -30.77 -20.84 17.92
C MET B 296 -29.30 -21.19 17.77
N LEU C 4 2.24 12.85 31.43
CA LEU C 4 2.01 12.32 30.06
C LEU C 4 0.76 11.44 30.00
N LYS C 5 0.62 10.54 30.97
CA LYS C 5 -0.54 9.66 31.05
C LYS C 5 -1.80 10.49 31.32
N GLU C 6 -1.60 11.63 31.97
CA GLU C 6 -2.68 12.55 32.32
C GLU C 6 -3.21 13.27 31.08
N LEU C 7 -2.37 13.35 30.05
CA LEU C 7 -2.73 14.02 28.81
C LEU C 7 -3.25 13.06 27.73
N GLU C 8 -3.01 11.77 27.93
CA GLU C 8 -3.43 10.73 26.98
C GLU C 8 -4.94 10.46 26.94
N ARG C 9 -5.48 10.36 25.73
CA ARG C 9 -6.90 10.06 25.52
C ARG C 9 -6.98 8.74 24.77
N GLU C 10 -8.21 8.25 24.54
CA GLU C 10 -8.38 6.99 23.83
C GLU C 10 -7.83 7.18 22.41
N LEU C 11 -6.92 6.30 22.04
CA LEU C 11 -6.29 6.33 20.72
C LEU C 11 -7.27 6.00 19.59
N GLN C 12 -7.39 6.92 18.61
CA GLN C 12 -8.29 6.71 17.47
C GLN C 12 -7.49 6.36 16.23
N PRO C 13 -7.98 5.39 15.43
CA PRO C 13 -7.30 4.98 14.21
C PRO C 13 -7.43 5.95 13.04
N ARG C 14 -6.35 6.07 12.27
CA ARG C 14 -6.37 6.93 11.09
C ARG C 14 -6.05 6.05 9.89
N GLN C 15 -5.52 6.61 8.81
CA GLN C 15 -5.23 5.81 7.61
C GLN C 15 -3.73 5.72 7.31
N HIS C 16 -2.91 5.86 8.34
CA HIS C 16 -1.46 5.83 8.14
C HIS C 16 -0.68 4.60 8.54
N LEU C 17 -1.25 3.75 9.41
CA LEU C 17 -0.53 2.55 9.85
C LEU C 17 -1.18 1.30 9.29
N TRP C 18 -0.35 0.46 8.67
CA TRP C 18 -0.84 -0.76 8.02
C TRP C 18 0.03 -2.01 8.16
N TYR C 19 -0.63 -3.16 8.13
CA TYR C 19 0.00 -4.47 8.18
C TYR C 19 -0.37 -5.11 6.84
N PHE C 20 0.64 -5.52 6.08
CA PHE C 20 0.42 -6.19 4.79
C PHE C 20 0.91 -7.63 4.87
N GLU C 21 0.03 -8.59 4.58
CA GLU C 21 0.39 -10.00 4.59
C GLU C 21 0.39 -10.50 3.15
N TYR C 22 1.50 -11.10 2.73
CA TYR C 22 1.60 -11.65 1.37
C TYR C 22 1.28 -13.14 1.37
N TYR C 23 0.47 -13.57 0.41
CA TYR C 23 0.11 -14.97 0.27
C TYR C 23 1.19 -15.66 -0.57
N THR C 24 1.18 -16.97 -0.56
CA THR C 24 2.15 -17.75 -1.35
C THR C 24 2.10 -17.28 -2.79
N GLY C 25 3.26 -17.01 -3.35
CA GLY C 25 3.35 -16.51 -4.72
C GLY C 25 3.59 -15.00 -4.75
N ASN C 26 3.26 -14.31 -3.65
CA ASN C 26 3.40 -12.86 -3.49
C ASN C 26 2.66 -12.00 -4.53
N ASN C 27 1.59 -12.53 -5.11
CA ASN C 27 0.81 -11.78 -6.09
C ASN C 27 -0.50 -11.26 -5.51
N VAL C 28 -0.87 -11.79 -4.35
CA VAL C 28 -2.10 -11.41 -3.67
C VAL C 28 -1.80 -11.39 -2.16
N GLY C 29 -2.54 -10.56 -1.42
CA GLY C 29 -2.36 -10.51 0.03
C GLY C 29 -3.48 -9.76 0.71
N LEU C 30 -3.40 -9.69 2.04
CA LEU C 30 -4.39 -9.00 2.85
C LEU C 30 -3.72 -7.83 3.54
N PHE C 31 -4.44 -6.72 3.70
CA PHE C 31 -3.90 -5.60 4.44
C PHE C 31 -4.87 -5.25 5.54
N MET C 32 -4.31 -4.85 6.69
CA MET C 32 -5.11 -4.51 7.86
C MET C 32 -4.64 -3.22 8.47
N LYS C 33 -5.59 -2.38 8.86
CA LYS C 33 -5.30 -1.11 9.51
C LYS C 33 -4.86 -1.42 10.94
N MET C 34 -3.88 -0.68 11.44
CA MET C 34 -3.42 -0.89 12.82
C MET C 34 -3.71 0.35 13.67
N ASN C 35 -4.50 0.21 14.72
CA ASN C 35 -4.76 1.36 15.59
C ASN C 35 -3.54 1.54 16.49
N ARG C 36 -2.89 0.42 16.82
CA ARG C 36 -1.69 0.45 17.64
C ARG C 36 -1.02 -0.90 17.58
N VAL C 37 0.28 -0.88 17.82
CA VAL C 37 1.06 -2.10 17.86
C VAL C 37 1.25 -2.39 19.34
N ILE C 38 0.77 -3.56 19.75
CA ILE C 38 0.80 -3.98 21.15
C ILE C 38 2.16 -4.53 21.56
N TYR C 39 2.75 -5.33 20.69
CA TYR C 39 4.04 -5.97 20.95
C TYR C 39 4.74 -6.45 19.67
N SER C 40 6.03 -6.19 19.59
CA SER C 40 6.85 -6.64 18.48
C SER C 40 8.09 -7.24 19.16
N GLY C 41 8.39 -8.49 18.85
CA GLY C 41 9.54 -9.13 19.45
C GLY C 41 10.18 -10.09 18.48
N GLN C 42 11.45 -10.37 18.71
CA GLN C 42 12.21 -11.29 17.86
C GLN C 42 12.87 -12.38 18.72
N SER C 43 12.61 -13.64 18.38
CA SER C 43 13.22 -14.74 19.12
C SER C 43 14.35 -15.26 18.25
N ASP C 44 14.99 -16.36 18.66
CA ASP C 44 16.05 -16.93 17.83
C ASP C 44 15.41 -17.67 16.64
N ILE C 45 14.09 -17.81 16.68
CA ILE C 45 13.37 -18.53 15.62
C ILE C 45 12.57 -17.67 14.64
N GLN C 46 11.84 -16.70 15.16
CA GLN C 46 10.98 -15.88 14.31
C GLN C 46 10.62 -14.54 14.94
N ARG C 47 9.97 -13.70 14.15
CA ARG C 47 9.51 -12.40 14.61
C ARG C 47 8.03 -12.50 14.94
N ILE C 48 7.67 -11.89 16.05
CA ILE C 48 6.29 -11.83 16.54
C ILE C 48 5.75 -10.41 16.49
N ASP C 49 4.55 -10.24 15.93
CA ASP C 49 3.89 -8.93 15.93
C ASP C 49 2.46 -9.12 16.35
N ILE C 50 2.04 -8.31 17.32
CA ILE C 50 0.70 -8.34 17.87
C ILE C 50 0.20 -6.90 17.81
N PHE C 51 -0.91 -6.67 17.13
CA PHE C 51 -1.44 -5.32 17.00
C PHE C 51 -2.95 -5.31 17.09
N GLU C 52 -3.51 -4.11 17.10
CA GLU C 52 -4.94 -3.95 17.21
C GLU C 52 -5.53 -3.41 15.92
N ASN C 53 -6.55 -4.09 15.41
CA ASN C 53 -7.26 -3.67 14.19
C ASN C 53 -8.68 -3.33 14.65
N PRO C 54 -9.25 -2.22 14.16
CA PRO C 54 -10.60 -1.80 14.52
C PRO C 54 -11.72 -2.84 14.38
N ASP C 55 -11.64 -3.67 13.35
CA ASP C 55 -12.66 -4.70 13.13
C ASP C 55 -12.32 -6.07 13.71
N LEU C 56 -11.06 -6.49 13.57
CA LEU C 56 -10.64 -7.82 14.01
C LEU C 56 -10.16 -7.92 15.45
N GLY C 57 -9.88 -6.77 16.06
CA GLY C 57 -9.40 -6.80 17.44
C GLY C 57 -7.90 -7.08 17.44
N VAL C 58 -7.46 -7.86 18.42
CA VAL C 58 -6.05 -8.20 18.54
C VAL C 58 -5.66 -9.22 17.46
N VAL C 59 -4.60 -8.92 16.74
CA VAL C 59 -4.09 -9.79 15.65
C VAL C 59 -2.66 -10.19 16.02
N PHE C 60 -2.38 -11.48 15.84
CA PHE C 60 -1.07 -12.08 16.12
C PHE C 60 -0.52 -12.61 14.82
N ALA C 61 0.65 -12.10 14.43
CA ALA C 61 1.30 -12.54 13.21
C ALA C 61 2.72 -13.03 13.50
N LEU C 62 3.16 -14.07 12.80
CA LEU C 62 4.52 -14.61 12.94
C LEU C 62 5.19 -14.44 11.58
N ASP C 63 6.30 -13.73 11.56
CA ASP C 63 7.02 -13.46 10.31
C ASP C 63 6.10 -12.91 9.22
N GLY C 64 5.19 -12.04 9.64
CA GLY C 64 4.25 -11.40 8.71
C GLY C 64 3.16 -12.27 8.15
N ILE C 65 2.87 -13.39 8.83
CA ILE C 65 1.82 -14.33 8.42
C ILE C 65 0.81 -14.35 9.58
N THR C 66 -0.44 -14.02 9.28
CA THR C 66 -1.49 -13.98 10.27
C THR C 66 -1.75 -15.35 10.90
N MET C 67 -1.60 -15.41 12.22
CA MET C 67 -1.81 -16.65 12.97
C MET C 67 -3.19 -16.68 13.64
N THR C 68 -3.55 -15.58 14.30
CA THR C 68 -4.86 -15.51 14.95
C THR C 68 -5.37 -14.09 14.97
N THR C 69 -6.68 -13.99 15.06
CA THR C 69 -7.39 -12.72 15.11
C THR C 69 -8.45 -12.95 16.18
N GLU C 70 -8.70 -11.96 17.05
CA GLU C 70 -9.70 -12.15 18.10
C GLU C 70 -11.11 -12.41 17.61
N LYS C 71 -11.44 -11.77 16.49
CA LYS C 71 -12.78 -11.88 15.95
C LYS C 71 -13.13 -13.25 15.39
N ASP C 72 -12.14 -13.96 14.86
CA ASP C 72 -12.48 -15.23 14.22
C ASP C 72 -11.66 -16.49 14.51
N GLU C 73 -10.73 -16.41 15.46
CA GLU C 73 -9.90 -17.58 15.75
C GLU C 73 -10.70 -18.80 16.14
N PHE C 74 -11.91 -18.60 16.69
CA PHE C 74 -12.74 -19.72 17.09
C PHE C 74 -13.05 -20.65 15.93
N MET C 75 -13.18 -20.12 14.71
CA MET C 75 -13.52 -20.97 13.56
C MET C 75 -12.48 -22.04 13.31
N TYR C 76 -11.22 -21.63 13.37
CA TYR C 76 -10.08 -22.51 13.14
C TYR C 76 -9.86 -23.48 14.30
N HIS C 77 -9.76 -22.93 15.51
CA HIS C 77 -9.53 -23.76 16.65
C HIS C 77 -10.62 -24.78 16.94
N GLU C 78 -11.88 -24.42 16.69
CA GLU C 78 -12.95 -25.38 16.91
C GLU C 78 -12.94 -26.52 15.92
N MET C 79 -12.69 -26.22 14.66
CA MET C 79 -12.69 -27.27 13.65
C MET C 79 -11.47 -28.19 13.78
N LEU C 80 -10.33 -27.61 14.15
CA LEU C 80 -9.11 -28.40 14.30
C LEU C 80 -9.21 -29.34 15.49
N ALA C 81 -9.78 -28.83 16.58
CA ALA C 81 -9.89 -29.64 17.80
C ALA C 81 -11.11 -30.52 17.98
N HIS C 82 -12.29 -29.97 17.73
CA HIS C 82 -13.51 -30.74 17.99
C HIS C 82 -13.82 -31.96 17.14
N VAL C 83 -13.43 -31.93 15.87
CA VAL C 83 -13.65 -33.08 14.99
C VAL C 83 -12.99 -34.34 15.58
N PRO C 84 -11.66 -34.32 15.82
CA PRO C 84 -11.06 -35.54 16.39
C PRO C 84 -11.49 -35.82 17.85
N MET C 85 -11.67 -34.77 18.64
CA MET C 85 -12.07 -34.98 20.04
C MET C 85 -13.42 -35.67 20.19
N PHE C 86 -14.42 -35.24 19.41
CA PHE C 86 -15.73 -35.86 19.49
C PHE C 86 -15.76 -37.26 18.87
N LEU C 87 -14.82 -37.52 17.95
CA LEU C 87 -14.78 -38.84 17.31
C LEU C 87 -14.11 -39.89 18.18
N HIS C 88 -13.22 -39.49 19.07
CA HIS C 88 -12.57 -40.46 19.95
C HIS C 88 -13.56 -40.91 21.02
N PRO C 89 -13.57 -42.22 21.37
CA PRO C 89 -14.49 -42.79 22.38
C PRO C 89 -14.38 -42.18 23.78
N ASN C 90 -13.15 -41.89 24.20
CA ASN C 90 -12.90 -41.33 25.53
C ASN C 90 -11.48 -40.77 25.54
N PRO C 91 -11.31 -39.56 25.01
CA PRO C 91 -9.99 -38.93 24.94
C PRO C 91 -9.49 -38.39 26.27
N LYS C 92 -8.49 -39.07 26.82
CA LYS C 92 -7.94 -38.68 28.10
C LYS C 92 -6.59 -37.99 28.01
N LYS C 93 -5.74 -38.44 27.09
CA LYS C 93 -4.41 -37.87 26.91
C LYS C 93 -4.29 -37.31 25.50
N VAL C 94 -4.05 -36.01 25.45
CA VAL C 94 -3.94 -35.28 24.18
C VAL C 94 -2.63 -34.53 24.05
N LEU C 95 -2.06 -34.59 22.85
CA LEU C 95 -0.83 -33.88 22.54
C LEU C 95 -1.16 -32.94 21.37
N ILE C 96 -0.81 -31.68 21.54
CA ILE C 96 -1.00 -30.65 20.51
C ILE C 96 0.40 -30.14 20.17
N ILE C 97 0.74 -30.16 18.89
CA ILE C 97 2.03 -29.68 18.44
C ILE C 97 1.80 -28.37 17.69
N GLY C 98 2.51 -27.33 18.12
CA GLY C 98 2.34 -26.02 17.49
C GLY C 98 1.21 -25.30 18.19
N GLY C 99 0.71 -24.21 17.62
CA GLY C 99 -0.37 -23.48 18.28
C GLY C 99 0.00 -22.83 19.60
N GLY C 100 1.12 -22.09 19.60
CA GLY C 100 1.57 -21.41 20.80
C GLY C 100 0.62 -20.36 21.35
N ASP C 101 -0.38 -19.97 20.57
CA ASP C 101 -1.36 -18.98 21.02
C ASP C 101 -2.27 -19.62 22.09
N GLY C 102 -2.40 -20.95 22.03
CA GLY C 102 -3.21 -21.70 22.98
C GLY C 102 -4.65 -22.02 22.61
N GLY C 103 -5.15 -21.50 21.49
CA GLY C 103 -6.54 -21.75 21.12
C GLY C 103 -6.98 -23.19 21.04
N THR C 104 -6.17 -24.03 20.39
CA THR C 104 -6.49 -25.43 20.27
C THR C 104 -6.53 -26.06 21.67
N LEU C 105 -5.57 -25.69 22.51
CA LEU C 105 -5.55 -26.20 23.88
C LEU C 105 -6.85 -25.85 24.61
N ARG C 106 -7.28 -24.60 24.46
CA ARG C 106 -8.52 -24.13 25.09
C ARG C 106 -9.71 -25.01 24.69
N GLU C 107 -9.83 -25.29 23.39
CA GLU C 107 -10.93 -26.11 22.90
C GLU C 107 -10.83 -27.56 23.38
N VAL C 108 -9.62 -28.10 23.40
CA VAL C 108 -9.44 -29.47 23.87
C VAL C 108 -9.85 -29.60 25.33
N LEU C 109 -9.48 -28.60 26.14
CA LEU C 109 -9.81 -28.62 27.57
C LEU C 109 -11.30 -28.58 27.87
N LYS C 110 -12.12 -28.21 26.89
CA LYS C 110 -13.58 -28.19 27.09
C LYS C 110 -14.12 -29.59 27.25
N HIS C 111 -13.37 -30.58 26.78
CA HIS C 111 -13.80 -31.97 26.89
C HIS C 111 -13.48 -32.54 28.27
N ASP C 112 -14.53 -32.83 29.04
CA ASP C 112 -14.38 -33.34 30.40
C ASP C 112 -13.56 -34.60 30.56
N SER C 113 -13.50 -35.43 29.51
CA SER C 113 -12.73 -36.65 29.55
C SER C 113 -11.22 -36.42 29.65
N VAL C 114 -10.75 -35.26 29.17
CA VAL C 114 -9.33 -34.94 29.20
C VAL C 114 -8.72 -34.92 30.59
N GLU C 115 -7.63 -35.67 30.77
CA GLU C 115 -6.92 -35.73 32.04
C GLU C 115 -5.58 -35.04 31.90
N LYS C 116 -5.01 -35.10 30.68
CA LYS C 116 -3.72 -34.48 30.41
C LYS C 116 -3.69 -34.02 28.95
N ALA C 117 -3.34 -32.75 28.77
CA ALA C 117 -3.22 -32.15 27.42
C ALA C 117 -1.87 -31.45 27.41
N ILE C 118 -0.98 -31.90 26.52
CA ILE C 118 0.35 -31.34 26.41
C ILE C 118 0.40 -30.42 25.19
N LEU C 119 0.93 -29.22 25.39
CA LEU C 119 1.08 -28.24 24.31
C LEU C 119 2.58 -28.11 24.06
N CYS C 120 3.02 -28.65 22.93
CA CYS C 120 4.43 -28.65 22.55
C CYS C 120 4.71 -27.54 21.53
N GLU C 121 5.27 -26.44 22.02
CA GLU C 121 5.57 -25.26 21.22
C GLU C 121 7.09 -25.09 21.10
N VAL C 122 7.57 -24.87 19.89
CA VAL C 122 9.00 -24.73 19.67
C VAL C 122 9.61 -23.43 20.19
N ASP C 123 8.82 -22.35 20.21
CA ASP C 123 9.31 -21.04 20.61
C ASP C 123 8.76 -20.55 21.93
N GLY C 124 9.62 -20.48 22.93
CA GLY C 124 9.21 -19.99 24.24
C GLY C 124 8.71 -18.55 24.22
N LEU C 125 9.20 -17.73 23.28
CA LEU C 125 8.78 -16.32 23.25
C LEU C 125 7.30 -16.23 22.85
N VAL C 126 6.84 -17.19 22.05
CA VAL C 126 5.45 -17.20 21.62
C VAL C 126 4.55 -17.48 22.82
N ILE C 127 4.96 -18.44 23.65
CA ILE C 127 4.20 -18.77 24.85
C ILE C 127 4.15 -17.55 25.76
N GLU C 128 5.30 -16.91 25.97
CA GLU C 128 5.34 -15.76 26.85
C GLU C 128 4.52 -14.58 26.36
N ALA C 129 4.58 -14.33 25.05
CA ALA C 129 3.82 -13.23 24.48
C ALA C 129 2.32 -13.54 24.55
N ALA C 130 1.96 -14.79 24.32
CA ALA C 130 0.55 -15.21 24.37
C ALA C 130 -0.04 -15.02 25.77
N ARG C 131 0.76 -15.33 26.78
CA ARG C 131 0.32 -15.15 28.16
C ARG C 131 -0.06 -13.69 28.44
N LYS C 132 0.80 -12.79 27.99
CA LYS C 132 0.59 -11.37 28.24
C LYS C 132 -0.37 -10.66 27.30
N TYR C 133 -0.33 -11.04 26.03
CA TYR C 133 -1.13 -10.31 25.04
C TYR C 133 -2.23 -11.03 24.28
N LEU C 134 -2.34 -12.35 24.42
CA LEU C 134 -3.35 -13.11 23.68
C LEU C 134 -4.17 -13.91 24.67
N LYS C 135 -4.72 -13.21 25.66
CA LYS C 135 -5.51 -13.85 26.71
C LYS C 135 -6.72 -14.63 26.24
N GLN C 136 -7.27 -14.25 25.09
CA GLN C 136 -8.44 -14.96 24.58
C GLN C 136 -8.12 -16.40 24.26
N THR C 137 -6.91 -16.65 23.74
CA THR C 137 -6.52 -18.00 23.37
C THR C 137 -5.65 -18.71 24.41
N SER C 138 -4.87 -17.97 25.19
CA SER C 138 -3.97 -18.57 26.19
C SER C 138 -4.58 -18.82 27.56
N CYS C 139 -5.89 -18.66 27.67
CA CYS C 139 -6.59 -18.86 28.94
C CYS C 139 -6.47 -20.26 29.55
N GLY C 140 -6.14 -21.26 28.74
CA GLY C 140 -6.02 -22.62 29.24
C GLY C 140 -4.61 -23.08 29.63
N PHE C 141 -3.62 -22.21 29.46
CA PHE C 141 -2.24 -22.52 29.79
C PHE C 141 -2.06 -23.06 31.20
N ASP C 142 -2.77 -22.45 32.15
CA ASP C 142 -2.64 -22.84 33.55
C ASP C 142 -3.65 -23.81 34.12
N ASP C 143 -4.38 -24.48 33.23
CA ASP C 143 -5.34 -25.50 33.65
C ASP C 143 -4.46 -26.61 34.28
N PRO C 144 -4.87 -27.16 35.43
CA PRO C 144 -4.10 -28.21 36.10
C PRO C 144 -3.80 -29.42 35.19
N ARG C 145 -4.66 -29.65 34.19
CA ARG C 145 -4.50 -30.77 33.25
C ARG C 145 -3.53 -30.44 32.11
N ALA C 146 -3.21 -29.17 31.94
CA ALA C 146 -2.33 -28.75 30.86
C ALA C 146 -0.85 -28.73 31.22
N GLU C 147 -0.02 -29.08 30.24
CA GLU C 147 1.43 -29.05 30.40
C GLU C 147 2.02 -28.42 29.14
N ILE C 148 2.79 -27.35 29.32
CA ILE C 148 3.44 -26.70 28.19
C ILE C 148 4.89 -27.18 28.13
N VAL C 149 5.30 -27.64 26.96
CA VAL C 149 6.65 -28.13 26.70
C VAL C 149 7.25 -27.30 25.58
N ILE C 150 8.44 -26.76 25.79
CA ILE C 150 9.10 -25.98 24.77
C ILE C 150 10.05 -26.94 24.07
N ALA C 151 9.66 -27.36 22.87
CA ALA C 151 10.47 -28.32 22.11
C ALA C 151 10.05 -28.40 20.65
N ASN C 152 10.89 -29.02 19.84
CA ASN C 152 10.61 -29.25 18.42
C ASN C 152 9.67 -30.46 18.44
N GLY C 153 8.47 -30.29 17.89
CA GLY C 153 7.50 -31.37 17.88
C GLY C 153 7.91 -32.66 17.18
N ALA C 154 8.74 -32.57 16.15
CA ALA C 154 9.18 -33.77 15.46
C ALA C 154 10.10 -34.61 16.35
N GLU C 155 10.84 -33.94 17.22
CA GLU C 155 11.75 -34.65 18.14
C GLU C 155 10.98 -35.14 19.36
N TYR C 156 10.11 -34.29 19.88
CA TYR C 156 9.33 -34.61 21.06
C TYR C 156 8.42 -35.83 20.94
N VAL C 157 7.63 -35.89 19.87
CA VAL C 157 6.70 -37.00 19.68
C VAL C 157 7.36 -38.38 19.63
N ARG C 158 8.60 -38.44 19.14
CA ARG C 158 9.35 -39.70 19.03
C ARG C 158 9.69 -40.30 20.40
N LYS C 159 9.64 -39.49 21.43
CA LYS C 159 9.95 -39.97 22.78
C LYS C 159 8.84 -40.84 23.33
N PHE C 160 7.71 -40.88 22.62
CA PHE C 160 6.53 -41.64 23.05
C PHE C 160 6.07 -42.75 22.10
N LYS C 161 5.45 -43.77 22.70
CA LYS C 161 4.93 -44.92 21.98
C LYS C 161 3.68 -45.41 22.71
N ASN C 162 2.57 -45.58 21.98
CA ASN C 162 1.33 -46.09 22.55
C ASN C 162 0.99 -45.28 23.82
N GLU C 163 1.05 -43.96 23.67
CA GLU C 163 0.84 -43.03 24.78
C GLU C 163 -0.42 -42.16 24.73
N PHE C 164 -0.67 -41.54 23.59
CA PHE C 164 -1.79 -40.61 23.45
C PHE C 164 -3.05 -41.12 22.79
N ASP C 165 -4.18 -40.50 23.16
CA ASP C 165 -5.48 -40.83 22.57
C ASP C 165 -5.70 -39.95 21.34
N VAL C 166 -5.19 -38.72 21.41
CA VAL C 166 -5.38 -37.74 20.33
C VAL C 166 -4.14 -36.90 20.11
N ILE C 167 -3.76 -36.72 18.84
CA ILE C 167 -2.65 -35.86 18.51
C ILE C 167 -3.20 -34.86 17.48
N ILE C 168 -2.90 -33.58 17.69
CA ILE C 168 -3.36 -32.51 16.79
C ILE C 168 -2.16 -31.67 16.42
N ILE C 169 -1.97 -31.47 15.12
CA ILE C 169 -0.87 -30.66 14.61
C ILE C 169 -1.44 -29.31 14.16
N ASP C 170 -1.16 -28.29 14.95
CA ASP C 170 -1.62 -26.93 14.72
C ASP C 170 -0.55 -26.28 13.83
N SER C 171 -0.57 -24.97 13.67
CA SER C 171 0.43 -24.39 12.81
C SER C 171 1.84 -24.41 13.36
N THR C 172 2.74 -24.75 12.46
CA THR C 172 4.15 -24.87 12.74
C THR C 172 4.93 -24.34 11.54
N ASP C 173 6.08 -23.73 11.81
CA ASP C 173 6.98 -23.24 10.77
C ASP C 173 6.24 -22.82 9.49
N PRO C 174 5.39 -21.78 9.58
CA PRO C 174 4.65 -21.34 8.39
C PRO C 174 5.53 -20.97 7.19
N THR C 175 6.70 -20.41 7.46
CA THR C 175 7.61 -20.00 6.39
C THR C 175 8.28 -21.14 5.62
N ALA C 176 8.42 -22.31 6.23
CA ALA C 176 9.07 -23.44 5.55
C ALA C 176 8.18 -24.19 4.59
N GLY C 177 6.89 -23.86 4.60
CA GLY C 177 5.96 -24.54 3.70
C GLY C 177 5.99 -26.06 3.79
N GLN C 178 5.71 -26.70 2.67
CA GLN C 178 5.65 -28.16 2.58
C GLN C 178 6.94 -28.89 2.90
N GLY C 179 8.04 -28.16 2.91
CA GLY C 179 9.32 -28.78 3.22
C GLY C 179 9.60 -28.84 4.72
N GLY C 180 8.68 -28.30 5.52
CA GLY C 180 8.86 -28.28 6.96
C GLY C 180 8.93 -29.64 7.65
N HIS C 181 9.56 -29.66 8.82
CA HIS C 181 9.72 -30.89 9.60
C HIS C 181 8.42 -31.53 10.07
N LEU C 182 7.35 -30.75 10.17
CA LEU C 182 6.09 -31.30 10.65
C LEU C 182 5.16 -31.80 9.57
N PHE C 183 5.71 -31.96 8.36
CA PHE C 183 4.92 -32.45 7.22
C PHE C 183 5.60 -33.63 6.52
N THR C 184 6.53 -34.29 7.21
CA THR C 184 7.24 -35.46 6.65
C THR C 184 6.56 -36.78 6.99
N GLU C 185 6.74 -37.78 6.13
CA GLU C 185 6.16 -39.07 6.39
C GLU C 185 6.71 -39.64 7.70
N GLU C 186 7.98 -39.36 7.98
CA GLU C 186 8.65 -39.82 9.20
C GLU C 186 7.96 -39.25 10.44
N PHE C 187 7.64 -37.96 10.38
CA PHE C 187 6.95 -37.31 11.50
C PHE C 187 5.56 -37.93 11.70
N TYR C 188 4.80 -38.08 10.61
CA TYR C 188 3.46 -38.66 10.74
C TYR C 188 3.53 -40.09 11.28
N GLN C 189 4.57 -40.84 10.90
CA GLN C 189 4.74 -42.21 11.40
C GLN C 189 5.03 -42.17 12.91
N ALA C 190 5.80 -41.18 13.34
CA ALA C 190 6.11 -41.04 14.77
C ALA C 190 4.81 -40.70 15.52
N CYS C 191 3.93 -39.92 14.89
CA CYS C 191 2.65 -39.57 15.51
C CYS C 191 1.83 -40.84 15.65
N TYR C 192 1.76 -41.61 14.56
CA TYR C 192 1.03 -42.87 14.54
C TYR C 192 1.53 -43.79 15.67
N ASP C 193 2.84 -43.92 15.79
CA ASP C 193 3.42 -44.79 16.82
C ASP C 193 3.19 -44.28 18.25
N ALA C 194 3.11 -42.96 18.41
CA ALA C 194 2.86 -42.36 19.73
C ALA C 194 1.41 -42.50 20.17
N LEU C 195 0.52 -42.74 19.21
CA LEU C 195 -0.91 -42.89 19.52
C LEU C 195 -1.19 -44.30 20.01
N LYS C 196 -2.20 -44.43 20.86
CA LYS C 196 -2.62 -45.75 21.32
C LYS C 196 -3.30 -46.50 20.15
N GLU C 197 -3.67 -47.75 20.39
CA GLU C 197 -4.30 -48.62 19.41
C GLU C 197 -5.53 -48.05 18.68
N ASP C 198 -6.34 -47.27 19.39
CA ASP C 198 -7.54 -46.65 18.84
C ASP C 198 -7.43 -45.11 18.80
N GLY C 199 -6.20 -44.60 18.70
CA GLY C 199 -6.02 -43.16 18.68
C GLY C 199 -6.51 -42.45 17.43
N VAL C 200 -6.72 -41.14 17.55
CA VAL C 200 -7.15 -40.32 16.40
C VAL C 200 -6.20 -39.15 16.24
N PHE C 201 -6.31 -38.49 15.09
CA PHE C 201 -5.38 -37.43 14.74
C PHE C 201 -6.01 -36.37 13.84
N SER C 202 -5.57 -35.13 13.98
CA SER C 202 -5.99 -34.08 13.04
C SER C 202 -4.79 -33.15 12.83
N ALA C 203 -4.72 -32.57 11.64
CA ALA C 203 -3.63 -31.66 11.30
C ALA C 203 -4.18 -30.56 10.40
N GLU C 204 -3.77 -29.33 10.62
CA GLU C 204 -4.21 -28.26 9.72
C GLU C 204 -3.42 -28.52 8.43
N THR C 205 -4.10 -28.56 7.30
CA THR C 205 -3.44 -28.88 6.03
C THR C 205 -3.51 -27.82 4.93
N GLU C 206 -3.58 -26.57 5.38
CA GLU C 206 -3.55 -25.41 4.50
C GLU C 206 -4.74 -25.17 3.59
N ASP C 207 -4.68 -24.06 2.86
CA ASP C 207 -5.74 -23.70 1.93
C ASP C 207 -5.42 -24.34 0.59
N PRO C 208 -6.40 -25.05 0.01
CA PRO C 208 -6.28 -25.73 -1.28
C PRO C 208 -6.51 -24.72 -2.41
N PHE C 209 -5.84 -23.58 -2.33
CA PHE C 209 -5.97 -22.54 -3.34
C PHE C 209 -4.56 -22.01 -3.59
N TYR C 210 -4.09 -21.09 -2.75
CA TYR C 210 -2.72 -20.56 -2.91
C TYR C 210 -1.66 -21.62 -2.54
N ASP C 211 -2.04 -22.58 -1.69
CA ASP C 211 -1.10 -23.60 -1.24
C ASP C 211 -1.56 -25.00 -1.57
N ILE C 212 -2.11 -25.14 -2.76
CA ILE C 212 -2.63 -26.43 -3.22
C ILE C 212 -1.60 -27.57 -3.16
N GLY C 213 -0.34 -27.29 -3.50
CA GLY C 213 0.68 -28.32 -3.49
C GLY C 213 0.98 -28.85 -2.11
N TRP C 214 1.08 -27.92 -1.15
CA TRP C 214 1.37 -28.24 0.25
C TRP C 214 0.22 -29.09 0.81
N PHE C 215 -1.00 -28.67 0.50
CA PHE C 215 -2.20 -29.37 0.91
C PHE C 215 -2.16 -30.84 0.42
N LYS C 216 -1.95 -31.03 -0.89
CA LYS C 216 -1.88 -32.37 -1.49
C LYS C 216 -0.76 -33.20 -0.85
N LEU C 217 0.37 -32.56 -0.60
CA LEU C 217 1.49 -33.28 -0.01
C LEU C 217 1.17 -33.78 1.40
N ALA C 218 0.57 -32.92 2.22
CA ALA C 218 0.23 -33.32 3.60
C ALA C 218 -0.73 -34.51 3.59
N TYR C 219 -1.78 -34.41 2.76
CA TYR C 219 -2.77 -35.49 2.65
C TYR C 219 -2.11 -36.80 2.20
N ARG C 220 -1.28 -36.68 1.17
CA ARG C 220 -0.58 -37.86 0.63
C ARG C 220 0.29 -38.56 1.68
N ARG C 221 1.07 -37.79 2.44
CA ARG C 221 1.96 -38.37 3.44
C ARG C 221 1.20 -38.92 4.62
N ILE C 222 0.17 -38.20 5.08
CA ILE C 222 -0.64 -38.69 6.20
C ILE C 222 -1.31 -40.01 5.79
N SER C 223 -1.82 -40.06 4.57
CA SER C 223 -2.51 -41.26 4.08
C SER C 223 -1.62 -42.48 3.85
N LYS C 224 -0.31 -42.26 3.76
CA LYS C 224 0.62 -43.37 3.57
C LYS C 224 0.85 -44.04 4.93
N VAL C 225 0.49 -43.32 5.99
CA VAL C 225 0.69 -43.79 7.36
C VAL C 225 -0.57 -44.33 8.05
N PHE C 226 -1.67 -43.58 7.98
CA PHE C 226 -2.93 -43.97 8.65
C PHE C 226 -3.93 -44.64 7.71
N PRO C 227 -4.54 -45.75 8.17
CA PRO C 227 -5.52 -46.46 7.34
C PRO C 227 -6.75 -45.63 6.97
N ILE C 228 -7.12 -44.73 7.86
CA ILE C 228 -8.25 -43.84 7.63
C ILE C 228 -7.66 -42.44 7.56
N THR C 229 -7.89 -41.75 6.44
CA THR C 229 -7.42 -40.38 6.25
C THR C 229 -8.54 -39.67 5.47
N ARG C 230 -9.07 -38.58 6.04
CA ARG C 230 -10.15 -37.83 5.41
C ARG C 230 -9.96 -36.33 5.59
N VAL C 231 -10.08 -35.60 4.49
CA VAL C 231 -9.96 -34.15 4.54
C VAL C 231 -11.32 -33.53 4.89
N TYR C 232 -11.29 -32.51 5.73
CA TYR C 232 -12.52 -31.76 6.02
C TYR C 232 -12.17 -30.27 5.85
N LEU C 233 -13.18 -29.46 5.57
CA LEU C 233 -12.96 -28.05 5.29
C LEU C 233 -13.73 -27.14 6.22
N GLY C 234 -13.22 -25.93 6.39
CA GLY C 234 -13.90 -24.96 7.22
C GLY C 234 -13.60 -23.54 6.77
N PHE C 235 -14.50 -22.63 7.09
CA PHE C 235 -14.28 -21.22 6.78
C PHE C 235 -13.28 -20.70 7.82
N MET C 236 -12.44 -19.76 7.41
CA MET C 236 -11.45 -19.14 8.30
C MET C 236 -11.32 -17.78 7.64
N THR C 237 -12.11 -16.85 8.17
CA THR C 237 -12.28 -15.51 7.64
C THR C 237 -11.11 -14.58 7.49
N THR C 238 -9.95 -14.91 8.08
CA THR C 238 -8.78 -14.07 7.91
C THR C 238 -7.53 -14.82 7.46
N TYR C 239 -7.70 -16.09 7.07
CA TYR C 239 -6.58 -16.91 6.55
C TYR C 239 -6.60 -16.79 5.02
N PRO C 240 -5.45 -17.05 4.36
CA PRO C 240 -5.38 -16.95 2.89
C PRO C 240 -6.45 -17.75 2.17
N SER C 241 -7.26 -17.04 1.37
CA SER C 241 -8.38 -17.58 0.56
C SER C 241 -9.67 -17.80 1.35
N GLY C 242 -9.57 -17.92 2.67
CA GLY C 242 -10.75 -18.14 3.49
C GLY C 242 -11.26 -19.57 3.44
N MET C 243 -10.60 -20.43 2.68
CA MET C 243 -11.02 -21.83 2.59
C MET C 243 -9.91 -22.68 3.23
N TRP C 244 -10.15 -23.14 4.46
CA TRP C 244 -9.11 -23.91 5.14
C TRP C 244 -9.37 -25.41 5.17
N SER C 245 -8.30 -26.19 5.10
CA SER C 245 -8.46 -27.65 5.14
C SER C 245 -7.79 -28.21 6.39
N TYR C 246 -8.29 -29.35 6.80
CA TYR C 246 -7.82 -30.08 7.96
C TYR C 246 -7.87 -31.54 7.54
N THR C 247 -6.94 -32.34 8.05
CA THR C 247 -6.93 -33.76 7.71
C THR C 247 -7.09 -34.59 8.96
N PHE C 248 -8.17 -35.35 9.00
CA PHE C 248 -8.45 -36.24 10.12
C PHE C 248 -7.86 -37.58 9.74
N ALA C 249 -7.30 -38.30 10.71
CA ALA C 249 -6.77 -39.63 10.43
C ALA C 249 -6.93 -40.45 11.69
N SER C 250 -7.02 -41.78 11.52
CA SER C 250 -7.17 -42.66 12.67
C SER C 250 -6.69 -44.06 12.32
N LYS C 251 -6.82 -44.96 13.29
CA LYS C 251 -6.43 -46.35 13.06
C LYS C 251 -7.68 -47.18 12.85
N GLY C 252 -8.80 -46.53 12.54
CA GLY C 252 -10.02 -47.29 12.32
C GLY C 252 -11.30 -46.49 12.51
N ILE C 253 -11.27 -45.50 13.40
CA ILE C 253 -12.43 -44.68 13.62
C ILE C 253 -12.69 -43.84 12.36
N ASP C 254 -13.91 -43.94 11.85
CA ASP C 254 -14.33 -43.25 10.64
C ASP C 254 -15.03 -41.97 11.07
N PRO C 255 -14.67 -40.83 10.47
CA PRO C 255 -15.26 -39.54 10.79
C PRO C 255 -16.76 -39.37 10.58
N ILE C 256 -17.34 -40.23 9.73
CA ILE C 256 -18.78 -40.16 9.48
C ILE C 256 -19.47 -41.38 10.11
N LYS C 257 -18.97 -42.59 9.81
CA LYS C 257 -19.56 -43.84 10.33
C LYS C 257 -19.51 -43.95 11.85
N ASP C 258 -18.55 -43.31 12.49
CA ASP C 258 -18.44 -43.38 13.93
C ASP C 258 -18.79 -42.09 14.67
N PHE C 259 -19.42 -41.15 13.95
CA PHE C 259 -19.82 -39.87 14.54
C PHE C 259 -21.16 -40.01 15.25
N ASP C 260 -21.21 -39.64 16.51
CA ASP C 260 -22.42 -39.68 17.31
C ASP C 260 -22.82 -38.22 17.59
N PRO C 261 -23.84 -37.71 16.87
CA PRO C 261 -24.32 -36.33 17.03
C PRO C 261 -24.78 -36.00 18.43
N GLU C 262 -25.22 -37.01 19.17
CA GLU C 262 -25.68 -36.80 20.53
C GLU C 262 -24.61 -36.24 21.45
N LYS C 263 -23.35 -36.62 21.24
CA LYS C 263 -22.26 -36.12 22.06
C LYS C 263 -22.14 -34.61 21.91
N VAL C 264 -22.31 -34.13 20.69
CA VAL C 264 -22.23 -32.70 20.42
C VAL C 264 -23.48 -31.97 20.93
N ARG C 265 -24.65 -32.55 20.70
CA ARG C 265 -25.91 -31.95 21.17
C ARG C 265 -25.95 -31.78 22.67
N LYS C 266 -25.36 -32.72 23.38
CA LYS C 266 -25.34 -32.72 24.85
C LYS C 266 -24.10 -32.06 25.47
N PHE C 267 -23.19 -31.60 24.62
CA PHE C 267 -21.96 -30.96 25.10
C PHE C 267 -22.31 -29.81 26.04
N ASN C 268 -21.63 -29.76 27.18
CA ASN C 268 -21.91 -28.73 28.19
C ASN C 268 -21.08 -27.47 28.11
N LYS C 269 -20.39 -27.25 26.98
CA LYS C 269 -19.54 -26.07 26.81
C LYS C 269 -19.94 -25.23 25.60
N GLU C 270 -19.53 -23.97 25.57
CA GLU C 270 -19.88 -23.09 24.47
C GLU C 270 -19.11 -23.43 23.19
N LEU C 271 -19.81 -23.39 22.07
CA LEU C 271 -19.22 -23.64 20.74
C LEU C 271 -19.78 -22.55 19.83
N LYS C 272 -18.90 -21.77 19.20
CA LYS C 272 -19.34 -20.68 18.32
C LYS C 272 -19.37 -21.06 16.84
N TYR C 273 -18.79 -22.20 16.49
CA TYR C 273 -18.79 -22.63 15.09
C TYR C 273 -19.28 -24.04 14.92
N TYR C 274 -18.56 -24.96 15.51
CA TYR C 274 -18.85 -26.37 15.42
C TYR C 274 -20.20 -26.83 15.99
N ASN C 275 -20.83 -27.73 15.25
CA ASN C 275 -22.10 -28.36 15.65
C ASN C 275 -22.26 -29.66 14.85
N GLU C 276 -23.27 -30.46 15.17
CA GLU C 276 -23.47 -31.75 14.49
C GLU C 276 -23.59 -31.70 12.97
N GLU C 277 -24.35 -30.73 12.44
CA GLU C 277 -24.53 -30.62 10.98
C GLU C 277 -23.23 -30.21 10.31
N VAL C 278 -22.52 -29.29 10.96
CA VAL C 278 -21.26 -28.81 10.43
C VAL C 278 -20.20 -29.91 10.42
N HIS C 279 -20.23 -30.77 11.43
CA HIS C 279 -19.27 -31.89 11.50
C HIS C 279 -19.37 -32.70 10.21
N VAL C 280 -20.58 -33.18 9.93
CA VAL C 280 -20.84 -34.00 8.75
C VAL C 280 -20.58 -33.24 7.44
N ALA C 281 -21.07 -32.01 7.39
CA ALA C 281 -20.94 -31.15 6.22
C ALA C 281 -19.50 -30.82 5.82
N SER C 282 -18.64 -30.67 6.82
CA SER C 282 -17.24 -30.31 6.55
C SER C 282 -16.50 -31.35 5.73
N PHE C 283 -17.03 -32.58 5.69
CA PHE C 283 -16.40 -33.65 4.90
C PHE C 283 -16.85 -33.68 3.43
N ALA C 284 -17.82 -32.85 3.07
CA ALA C 284 -18.29 -32.77 1.67
C ALA C 284 -17.29 -31.87 0.94
N LEU C 285 -16.57 -32.46 0.00
CA LEU C 285 -15.55 -31.72 -0.76
C LEU C 285 -16.01 -31.26 -2.14
N PRO C 286 -15.75 -29.99 -2.50
CA PRO C 286 -16.14 -29.48 -3.82
C PRO C 286 -15.38 -30.28 -4.89
N ASN C 287 -15.89 -30.31 -6.11
CA ASN C 287 -15.23 -31.10 -7.15
C ASN C 287 -13.73 -30.83 -7.38
N PHE C 288 -13.32 -29.56 -7.37
CA PHE C 288 -11.92 -29.23 -7.63
C PHE C 288 -10.98 -29.82 -6.58
N VAL C 289 -11.46 -29.91 -5.34
CA VAL C 289 -10.67 -30.49 -4.25
C VAL C 289 -10.61 -32.01 -4.42
N LYS C 290 -11.73 -32.63 -4.77
CA LYS C 290 -11.77 -34.07 -5.01
C LYS C 290 -10.81 -34.46 -6.13
N LYS C 291 -10.78 -33.65 -7.20
CA LYS C 291 -9.91 -33.95 -8.33
C LYS C 291 -8.45 -33.83 -7.92
N GLU C 292 -8.14 -32.84 -7.12
CA GLU C 292 -6.78 -32.63 -6.65
C GLU C 292 -6.26 -33.80 -5.80
N LEU C 293 -7.17 -34.43 -5.05
CA LEU C 293 -6.82 -35.56 -4.18
C LEU C 293 -6.98 -36.91 -4.86
N GLY C 294 -7.51 -36.90 -6.09
CA GLY C 294 -7.74 -38.14 -6.82
C GLY C 294 -8.94 -38.91 -6.32
N LEU C 295 -9.97 -38.19 -5.89
CA LEU C 295 -11.20 -38.77 -5.36
C LEU C 295 -12.44 -38.63 -6.27
N MET C 296 -12.27 -38.10 -7.48
CA MET C 296 -13.44 -37.94 -8.38
C MET C 296 -13.92 -39.30 -8.91
N LEU D 4 10.37 -13.86 29.06
CA LEU D 4 10.23 -13.04 27.82
C LEU D 4 11.49 -12.19 27.55
N LYS D 5 11.96 -11.48 28.58
CA LYS D 5 13.14 -10.63 28.47
C LYS D 5 14.37 -11.43 28.02
N GLU D 6 14.49 -12.64 28.56
CA GLU D 6 15.62 -13.53 28.24
C GLU D 6 15.59 -14.06 26.81
N LEU D 7 14.39 -14.25 26.28
CA LEU D 7 14.20 -14.78 24.94
C LEU D 7 14.24 -13.74 23.81
N GLU D 8 14.04 -12.47 24.14
CA GLU D 8 14.02 -11.39 23.13
C GLU D 8 15.38 -11.09 22.51
N ARG D 9 15.37 -10.91 21.20
CA ARG D 9 16.57 -10.60 20.41
C ARG D 9 16.33 -9.29 19.67
N GLU D 10 17.36 -8.78 18.98
CA GLU D 10 17.21 -7.54 18.22
C GLU D 10 16.16 -7.71 17.14
N LEU D 11 15.17 -6.82 17.15
CA LEU D 11 14.07 -6.87 16.21
C LEU D 11 14.52 -6.54 14.77
N GLN D 12 14.28 -7.47 13.85
CA GLN D 12 14.66 -7.32 12.45
C GLN D 12 13.48 -6.92 11.56
N PRO D 13 13.68 -5.92 10.67
CA PRO D 13 12.65 -5.43 9.75
C PRO D 13 12.21 -6.44 8.70
N ARG D 14 10.92 -6.46 8.41
CA ARG D 14 10.37 -7.33 7.37
C ARG D 14 9.56 -6.44 6.43
N GLN D 15 8.75 -7.03 5.57
CA GLN D 15 7.97 -6.21 4.65
C GLN D 15 6.49 -6.20 4.98
N HIS D 16 6.17 -6.27 6.28
CA HIS D 16 4.77 -6.29 6.69
C HIS D 16 4.20 -5.05 7.38
N LEU D 17 5.05 -4.24 8.03
CA LEU D 17 4.57 -3.05 8.74
C LEU D 17 4.94 -1.78 8.00
N TRP D 18 3.94 -0.97 7.71
CA TRP D 18 4.12 0.26 6.93
C TRP D 18 3.38 1.48 7.44
N TYR D 19 3.99 2.64 7.18
CA TYR D 19 3.44 3.94 7.50
C TYR D 19 3.19 4.57 6.12
N PHE D 20 1.97 5.06 5.89
CA PHE D 20 1.60 5.73 4.65
C PHE D 20 1.24 7.16 4.99
N GLU D 21 1.92 8.13 4.39
CA GLU D 21 1.64 9.53 4.62
C GLU D 21 0.98 10.08 3.35
N TYR D 22 -0.27 10.50 3.43
CA TYR D 22 -0.94 11.07 2.26
C TYR D 22 -0.67 12.57 2.16
N TYR D 23 -0.38 13.04 0.95
CA TYR D 23 -0.14 14.47 0.76
C TYR D 23 -1.48 15.15 0.50
N THR D 24 -1.51 16.48 0.59
CA THR D 24 -2.75 17.22 0.34
C THR D 24 -3.32 16.80 -1.01
N GLY D 25 -4.58 16.41 -1.02
CA GLY D 25 -5.22 15.94 -2.24
C GLY D 25 -5.49 14.45 -2.18
N ASN D 26 -4.66 13.74 -1.41
CA ASN D 26 -4.79 12.28 -1.22
C ASN D 26 -4.54 11.48 -2.49
N ASN D 27 -3.79 12.08 -3.41
CA ASN D 27 -3.47 11.44 -4.67
C ASN D 27 -2.03 10.94 -4.79
N VAL D 28 -1.17 11.44 -3.91
CA VAL D 28 0.25 11.09 -3.89
C VAL D 28 0.62 11.02 -2.41
N GLY D 29 1.63 10.24 -2.08
CA GLY D 29 2.05 10.14 -0.69
C GLY D 29 3.38 9.43 -0.57
N LEU D 30 3.87 9.35 0.66
CA LEU D 30 5.14 8.71 0.95
C LEU D 30 4.86 7.50 1.83
N PHE D 31 5.63 6.42 1.62
CA PHE D 31 5.48 5.24 2.46
C PHE D 31 6.83 4.88 3.06
N MET D 32 6.78 4.40 4.30
CA MET D 32 8.00 4.03 5.02
C MET D 32 7.81 2.71 5.72
N LYS D 33 8.82 1.86 5.66
CA LYS D 33 8.78 0.58 6.37
C LYS D 33 8.98 0.94 7.86
N MET D 34 8.26 0.24 8.76
CA MET D 34 8.40 0.48 10.19
C MET D 34 9.00 -0.76 10.84
N ASN D 35 10.20 -0.64 11.40
CA ASN D 35 10.80 -1.79 12.07
C ASN D 35 10.11 -2.01 13.42
N ARG D 36 9.72 -0.91 14.05
CA ARG D 36 9.09 -0.97 15.35
C ARG D 36 8.35 0.35 15.61
N VAL D 37 7.27 0.28 16.38
CA VAL D 37 6.53 1.48 16.75
C VAL D 37 6.92 1.77 18.20
N ILE D 38 7.58 2.91 18.40
CA ILE D 38 8.06 3.35 19.71
C ILE D 38 6.96 3.90 20.62
N TYR D 39 6.08 4.71 20.04
CA TYR D 39 5.00 5.32 20.80
C TYR D 39 3.81 5.77 19.93
N SER D 40 2.61 5.55 20.44
CA SER D 40 1.37 5.96 19.78
C SER D 40 0.52 6.55 20.90
N GLY D 41 0.17 7.82 20.78
CA GLY D 41 -0.63 8.44 21.82
C GLY D 41 -1.58 9.44 21.22
N GLN D 42 -2.67 9.70 21.94
CA GLN D 42 -3.69 10.61 21.48
C GLN D 42 -3.99 11.66 22.56
N SER D 43 -3.87 12.94 22.20
CA SER D 43 -4.19 14.03 23.13
C SER D 43 -5.56 14.56 22.76
N ASP D 44 -5.97 15.65 23.41
CA ASP D 44 -7.26 16.27 23.09
C ASP D 44 -7.16 16.97 21.75
N ILE D 45 -5.94 17.12 21.25
CA ILE D 45 -5.71 17.85 20.00
C ILE D 45 -5.44 17.00 18.77
N GLN D 46 -4.58 16.00 18.92
CA GLN D 46 -4.17 15.18 17.79
C GLN D 46 -3.56 13.87 18.21
N ARG D 47 -3.18 13.08 17.21
CA ARG D 47 -2.55 11.78 17.45
C ARG D 47 -1.05 11.86 17.17
N ILE D 48 -0.27 11.24 18.04
CA ILE D 48 1.17 11.19 17.91
C ILE D 48 1.64 9.75 17.64
N ASP D 49 2.55 9.58 16.66
CA ASP D 49 3.13 8.29 16.36
C ASP D 49 4.62 8.46 16.16
N ILE D 50 5.39 7.67 16.89
CA ILE D 50 6.83 7.71 16.79
C ILE D 50 7.27 6.28 16.50
N PHE D 51 8.01 6.11 15.42
CA PHE D 51 8.47 4.78 15.03
C PHE D 51 9.88 4.81 14.44
N GLU D 52 10.40 3.63 14.18
CA GLU D 52 11.74 3.50 13.65
C GLU D 52 11.74 2.95 12.24
N ASN D 53 12.43 3.67 11.34
CA ASN D 53 12.56 3.25 9.94
C ASN D 53 14.04 2.91 9.76
N PRO D 54 14.36 1.81 9.04
CA PRO D 54 15.75 1.42 8.81
C PRO D 54 16.68 2.50 8.24
N ASP D 55 16.19 3.31 7.31
CA ASP D 55 17.02 4.34 6.70
C ASP D 55 16.95 5.73 7.34
N LEU D 56 15.76 6.11 7.77
CA LEU D 56 15.54 7.43 8.34
C LEU D 56 15.72 7.54 9.86
N GLY D 57 15.85 6.40 10.53
CA GLY D 57 15.97 6.42 11.98
C GLY D 57 14.61 6.65 12.62
N VAL D 58 14.59 7.40 13.71
CA VAL D 58 13.34 7.68 14.41
C VAL D 58 12.51 8.68 13.61
N VAL D 59 11.24 8.34 13.42
CA VAL D 59 10.30 9.19 12.68
C VAL D 59 9.16 9.59 13.61
N PHE D 60 8.82 10.87 13.60
CA PHE D 60 7.77 11.44 14.43
C PHE D 60 6.66 11.99 13.51
N ALA D 61 5.42 11.54 13.73
CA ALA D 61 4.28 11.96 12.91
C ALA D 61 3.11 12.44 13.76
N LEU D 62 2.39 13.45 13.25
CA LEU D 62 1.22 14.00 13.91
C LEU D 62 0.06 13.81 12.95
N ASP D 63 -0.95 13.06 13.39
CA ASP D 63 -2.12 12.79 12.56
C ASP D 63 -1.74 12.22 11.19
N GLY D 64 -0.74 11.35 11.16
CA GLY D 64 -0.32 10.73 9.90
C GLY D 64 0.47 11.60 8.95
N ILE D 65 1.00 12.72 9.45
CA ILE D 65 1.81 13.62 8.64
C ILE D 65 3.19 13.66 9.28
N THR D 66 4.22 13.46 8.46
CA THR D 66 5.59 13.42 8.95
C THR D 66 6.06 14.76 9.49
N MET D 67 6.46 14.79 10.76
CA MET D 67 6.94 16.01 11.41
C MET D 67 8.47 16.07 11.40
N THR D 68 9.11 15.01 11.89
CA THR D 68 10.56 14.97 11.88
C THR D 68 11.09 13.58 11.60
N THR D 69 12.30 13.56 11.07
CA THR D 69 13.02 12.34 10.77
C THR D 69 14.41 12.58 11.36
N GLU D 70 14.93 11.59 12.07
CA GLU D 70 16.24 11.69 12.68
C GLU D 70 17.34 12.00 11.65
N LYS D 71 17.19 11.47 10.45
CA LYS D 71 18.18 11.67 9.41
C LYS D 71 18.27 13.04 8.75
N ASP D 72 17.14 13.75 8.66
CA ASP D 72 17.17 15.03 7.95
C ASP D 72 16.51 16.24 8.58
N GLU D 73 16.04 16.13 9.82
CA GLU D 73 15.37 17.25 10.48
C GLU D 73 16.20 18.52 10.52
N PHE D 74 17.53 18.38 10.52
CA PHE D 74 18.42 19.54 10.55
C PHE D 74 18.23 20.47 9.37
N MET D 75 17.81 19.93 8.22
CA MET D 75 17.61 20.75 7.03
C MET D 75 16.53 21.80 7.23
N TYR D 76 15.44 21.37 7.85
CA TYR D 76 14.30 22.23 8.11
C TYR D 76 14.61 23.20 9.25
N HIS D 77 15.05 22.66 10.38
CA HIS D 77 15.33 23.47 11.53
C HIS D 77 16.40 24.53 11.35
N GLU D 78 17.48 24.20 10.65
CA GLU D 78 18.54 25.16 10.40
C GLU D 78 18.10 26.30 9.49
N MET D 79 17.31 25.98 8.46
CA MET D 79 16.86 27.04 7.57
C MET D 79 15.79 27.95 8.18
N LEU D 80 14.87 27.36 8.93
CA LEU D 80 13.80 28.13 9.56
C LEU D 80 14.38 29.05 10.63
N ALA D 81 15.37 28.56 11.36
CA ALA D 81 15.96 29.32 12.47
C ALA D 81 17.14 30.24 12.17
N HIS D 82 18.16 29.74 11.50
CA HIS D 82 19.36 30.54 11.25
C HIS D 82 19.24 31.73 10.30
N VAL D 83 18.31 31.69 9.37
CA VAL D 83 18.16 32.84 8.48
C VAL D 83 17.79 34.09 9.29
N PRO D 84 16.69 34.06 10.07
CA PRO D 84 16.37 35.27 10.84
C PRO D 84 17.32 35.55 12.00
N MET D 85 17.90 34.50 12.60
CA MET D 85 18.82 34.68 13.72
C MET D 85 20.12 35.39 13.33
N PHE D 86 20.70 35.01 12.20
CA PHE D 86 21.94 35.62 11.73
C PHE D 86 21.73 37.03 11.17
N LEU D 87 20.51 37.29 10.69
CA LEU D 87 20.20 38.61 10.15
C LEU D 87 19.98 39.62 11.26
N HIS D 88 19.56 39.17 12.44
CA HIS D 88 19.34 40.10 13.54
C HIS D 88 20.66 40.60 14.09
N PRO D 89 20.77 41.92 14.36
CA PRO D 89 21.98 42.53 14.90
C PRO D 89 22.48 41.86 16.18
N ASN D 90 21.55 41.60 17.11
CA ASN D 90 21.89 41.00 18.38
C ASN D 90 20.61 40.42 19.01
N PRO D 91 20.19 39.23 18.53
CA PRO D 91 18.98 38.57 19.04
C PRO D 91 19.15 38.05 20.47
N LYS D 92 18.43 38.66 21.41
CA LYS D 92 18.53 38.28 22.82
C LYS D 92 17.28 37.57 23.33
N LYS D 93 16.12 38.05 22.87
CA LYS D 93 14.82 37.50 23.26
C LYS D 93 14.15 36.92 22.02
N VAL D 94 13.84 35.62 22.07
CA VAL D 94 13.22 34.91 20.94
C VAL D 94 11.96 34.13 21.34
N LEU D 95 10.94 34.21 20.48
CA LEU D 95 9.69 33.47 20.68
C LEU D 95 9.52 32.50 19.50
N ILE D 96 9.31 31.22 19.81
CA ILE D 96 9.10 30.18 18.80
C ILE D 96 7.71 29.64 19.05
N ILE D 97 6.85 29.73 18.05
CA ILE D 97 5.49 29.23 18.20
C ILE D 97 5.44 27.90 17.44
N GLY D 98 4.92 26.88 18.13
CA GLY D 98 4.83 25.53 17.57
C GLY D 98 6.12 24.81 17.95
N GLY D 99 6.68 24.04 17.02
CA GLY D 99 7.94 23.36 17.26
C GLY D 99 8.04 22.55 18.54
N GLY D 100 7.02 21.76 18.82
CA GLY D 100 7.00 20.95 20.02
C GLY D 100 8.13 19.95 20.14
N ASP D 101 8.67 19.54 19.00
CA ASP D 101 9.77 18.58 18.96
C ASP D 101 11.06 19.17 19.54
N GLY D 102 11.18 20.49 19.47
CA GLY D 102 12.35 21.18 19.99
C GLY D 102 13.49 21.52 19.04
N GLY D 103 13.41 21.04 17.80
CA GLY D 103 14.48 21.29 16.83
C GLY D 103 14.83 22.75 16.62
N THR D 104 13.81 23.58 16.41
CA THR D 104 14.03 25.01 16.20
C THR D 104 14.66 25.61 17.46
N LEU D 105 14.15 25.25 18.63
CA LEU D 105 14.72 25.75 19.89
C LEU D 105 16.21 25.40 19.96
N ARG D 106 16.54 24.17 19.59
CA ARG D 106 17.93 23.71 19.60
C ARG D 106 18.81 24.60 18.73
N GLU D 107 18.34 24.91 17.53
CA GLU D 107 19.12 25.76 16.63
C GLU D 107 19.26 27.18 17.14
N VAL D 108 18.18 27.71 17.69
CA VAL D 108 18.16 29.07 18.23
C VAL D 108 19.16 29.20 19.39
N LEU D 109 19.23 28.16 20.21
CA LEU D 109 20.12 28.16 21.37
C LEU D 109 21.60 28.17 21.03
N LYS D 110 21.94 27.85 19.78
CA LYS D 110 23.34 27.85 19.36
C LYS D 110 23.90 29.27 19.32
N HIS D 111 23.03 30.28 19.23
CA HIS D 111 23.46 31.67 19.21
C HIS D 111 23.66 32.17 20.64
N ASP D 112 24.91 32.42 21.00
CA ASP D 112 25.29 32.88 22.34
C ASP D 112 24.59 34.17 22.79
N SER D 113 24.14 34.97 21.82
CA SER D 113 23.43 36.21 22.10
C SER D 113 22.08 36.01 22.77
N VAL D 114 21.48 34.85 22.57
CA VAL D 114 20.18 34.55 23.15
C VAL D 114 20.26 34.46 24.68
N GLU D 115 19.39 35.23 25.33
CA GLU D 115 19.31 35.26 26.78
C GLU D 115 18.04 34.53 27.22
N LYS D 116 17.02 34.58 26.38
CA LYS D 116 15.73 33.93 26.63
C LYS D 116 15.01 33.47 25.36
N ALA D 117 14.61 32.20 25.34
CA ALA D 117 13.90 31.66 24.19
C ALA D 117 12.65 30.94 24.69
N ILE D 118 11.48 31.48 24.33
CA ILE D 118 10.22 30.90 24.72
C ILE D 118 9.72 29.97 23.61
N LEU D 119 9.40 28.73 23.99
CA LEU D 119 8.87 27.74 23.03
C LEU D 119 7.42 27.57 23.44
N CYS D 120 6.52 28.08 22.60
CA CYS D 120 5.08 28.01 22.84
C CYS D 120 4.43 26.92 21.98
N GLU D 121 4.20 25.76 22.59
CA GLU D 121 3.59 24.59 21.93
C GLU D 121 2.18 24.39 22.47
N VAL D 122 1.20 24.22 21.58
CA VAL D 122 -0.20 24.07 21.97
C VAL D 122 -0.53 22.73 22.64
N ASP D 123 0.20 21.70 22.27
CA ASP D 123 -0.04 20.36 22.78
C ASP D 123 0.96 19.88 23.81
N GLY D 124 0.52 19.78 25.06
CA GLY D 124 1.38 19.32 26.12
C GLY D 124 1.87 17.90 25.87
N LEU D 125 1.07 17.08 25.19
CA LEU D 125 1.49 15.71 24.92
C LEU D 125 2.68 15.65 23.97
N VAL D 126 2.75 16.60 23.04
CA VAL D 126 3.88 16.65 22.11
C VAL D 126 5.17 16.96 22.88
N ILE D 127 5.12 17.92 23.79
CA ILE D 127 6.29 18.27 24.60
C ILE D 127 6.80 17.05 25.37
N GLU D 128 5.89 16.37 26.07
CA GLU D 128 6.26 15.21 26.86
C GLU D 128 6.77 14.03 26.03
N ALA D 129 6.21 13.85 24.83
CA ALA D 129 6.64 12.76 23.96
C ALA D 129 8.02 13.08 23.39
N ALA D 130 8.24 14.36 23.05
CA ALA D 130 9.51 14.81 22.52
C ALA D 130 10.61 14.67 23.56
N ARG D 131 10.31 15.05 24.80
CA ARG D 131 11.28 14.96 25.89
C ARG D 131 11.68 13.51 26.12
N LYS D 132 10.70 12.62 26.10
CA LYS D 132 10.94 11.19 26.32
C LYS D 132 11.52 10.39 25.14
N TYR D 133 11.02 10.65 23.94
CA TYR D 133 11.45 9.88 22.76
C TYR D 133 12.23 10.57 21.66
N LEU D 134 12.21 11.90 21.63
CA LEU D 134 12.91 12.63 20.59
C LEU D 134 14.07 13.45 21.15
N LYS D 135 14.97 12.78 21.85
CA LYS D 135 16.15 13.41 22.47
C LYS D 135 16.98 14.27 21.53
N GLN D 136 17.10 13.83 20.28
CA GLN D 136 17.89 14.57 19.31
C GLN D 136 17.42 16.01 19.07
N THR D 137 16.11 16.24 19.17
CA THR D 137 15.58 17.59 18.96
C THR D 137 15.17 18.30 20.26
N SER D 138 14.85 17.53 21.29
CA SER D 138 14.42 18.13 22.55
C SER D 138 15.56 18.37 23.54
N CYS D 139 16.80 18.31 23.05
CA CYS D 139 17.97 18.50 23.91
C CYS D 139 18.08 19.87 24.58
N GLY D 140 17.42 20.86 24.00
CA GLY D 140 17.46 22.20 24.57
C GLY D 140 16.40 22.49 25.61
N PHE D 141 15.53 21.52 25.89
CA PHE D 141 14.46 21.70 26.88
C PHE D 141 14.91 22.14 28.28
N ASP D 142 16.08 21.66 28.71
CA ASP D 142 16.61 21.99 30.03
C ASP D 142 17.58 23.17 30.06
N ASP D 143 17.81 23.80 28.91
CA ASP D 143 18.71 24.95 28.86
C ASP D 143 18.07 26.04 29.74
N PRO D 144 18.85 26.62 30.67
CA PRO D 144 18.31 27.66 31.56
C PRO D 144 17.70 28.86 30.84
N ARG D 145 18.13 29.10 29.60
CA ARG D 145 17.61 30.21 28.80
C ARG D 145 16.27 29.86 28.16
N ALA D 146 15.94 28.58 28.12
CA ALA D 146 14.69 28.11 27.53
C ALA D 146 13.51 28.09 28.49
N GLU D 147 12.38 28.52 27.99
CA GLU D 147 11.15 28.53 28.76
C GLU D 147 10.09 27.89 27.88
N ILE D 148 9.61 26.73 28.31
CA ILE D 148 8.58 26.02 27.56
C ILE D 148 7.23 26.33 28.15
N VAL D 149 6.31 26.79 27.30
CA VAL D 149 4.95 27.11 27.72
C VAL D 149 3.94 26.39 26.81
N ILE D 150 2.82 25.96 27.41
CA ILE D 150 1.78 25.27 26.65
C ILE D 150 0.60 26.22 26.44
N ALA D 151 0.38 26.60 25.18
CA ALA D 151 -0.71 27.50 24.82
C ALA D 151 -0.83 27.64 23.31
N ASN D 152 -1.96 28.19 22.88
CA ASN D 152 -2.22 28.46 21.46
C ASN D 152 -1.39 29.71 21.19
N GLY D 153 -0.38 29.57 20.33
CA GLY D 153 0.49 30.69 20.01
C GLY D 153 -0.24 31.95 19.54
N ALA D 154 -1.38 31.77 18.89
CA ALA D 154 -2.14 32.92 18.40
C ALA D 154 -2.59 33.79 19.56
N GLU D 155 -2.93 33.17 20.67
CA GLU D 155 -3.40 33.91 21.84
C GLU D 155 -2.25 34.33 22.73
N TYR D 156 -1.28 33.45 22.88
CA TYR D 156 -0.12 33.73 23.72
C TYR D 156 0.67 34.97 23.29
N VAL D 157 0.97 35.07 22.00
CA VAL D 157 1.73 36.19 21.47
C VAL D 157 1.15 37.57 21.82
N ARG D 158 -0.16 37.62 22.01
CA ARG D 158 -0.86 38.88 22.33
C ARG D 158 -0.51 39.49 23.68
N LYS D 159 0.12 38.69 24.53
CA LYS D 159 0.53 39.15 25.86
C LYS D 159 1.73 40.08 25.73
N PHE D 160 2.39 40.09 24.56
CA PHE D 160 3.60 40.88 24.37
C PHE D 160 3.55 42.05 23.37
N LYS D 161 4.33 43.08 23.68
CA LYS D 161 4.42 44.28 22.84
C LYS D 161 5.86 44.78 22.96
N ASN D 162 6.50 45.03 21.82
CA ASN D 162 7.88 45.53 21.80
C ASN D 162 8.77 44.69 22.71
N GLU D 163 8.63 43.37 22.59
CA GLU D 163 9.35 42.43 23.44
C GLU D 163 10.42 41.54 22.83
N PHE D 164 10.12 40.97 21.67
CA PHE D 164 11.06 40.06 21.03
C PHE D 164 11.92 40.60 19.91
N ASP D 165 13.10 40.01 19.79
CA ASP D 165 14.06 40.34 18.75
C ASP D 165 13.75 39.47 17.54
N VAL D 166 13.32 38.24 17.80
CA VAL D 166 13.02 37.27 16.74
C VAL D 166 11.79 36.43 17.09
N ILE D 167 10.92 36.23 16.11
CA ILE D 167 9.73 35.39 16.30
C ILE D 167 9.77 34.39 15.16
N ILE D 168 9.75 33.10 15.51
CA ILE D 168 9.78 32.02 14.51
C ILE D 168 8.50 31.18 14.62
N ILE D 169 7.81 30.99 13.48
CA ILE D 169 6.58 30.19 13.46
C ILE D 169 6.90 28.81 12.85
N ASP D 170 6.95 27.80 13.73
CA ASP D 170 7.25 26.41 13.39
C ASP D 170 5.94 25.63 13.58
N SER D 171 5.02 25.83 12.65
CA SER D 171 3.69 25.23 12.74
C SER D 171 3.38 24.02 11.87
N THR D 172 2.27 23.35 12.22
CA THR D 172 1.77 22.25 11.43
C THR D 172 1.04 22.95 10.27
N ASP D 173 0.56 22.16 9.31
CA ASP D 173 -0.15 22.71 8.16
C ASP D 173 -1.40 23.49 8.61
N PRO D 174 -1.78 24.55 7.86
CA PRO D 174 -2.95 25.39 8.17
C PRO D 174 -4.25 24.62 8.41
N THR D 175 -4.26 23.35 8.01
CA THR D 175 -5.43 22.48 8.16
C THR D 175 -5.21 21.41 9.24
N ALA D 176 -3.97 21.28 9.71
CA ALA D 176 -3.60 20.28 10.72
C ALA D 176 -3.60 20.75 12.17
N GLY D 177 -3.88 19.80 13.07
CA GLY D 177 -3.93 20.01 14.52
C GLY D 177 -3.63 21.36 15.15
N GLN D 178 -4.65 22.22 15.21
CA GLN D 178 -4.55 23.58 15.78
C GLN D 178 -3.90 24.63 14.90
N GLY D 179 -3.41 24.23 13.73
CA GLY D 179 -2.82 25.19 12.81
C GLY D 179 -3.97 26.04 12.30
N GLY D 180 -3.71 26.96 11.38
CA GLY D 180 -4.80 27.78 10.90
C GLY D 180 -4.94 29.02 11.77
N HIS D 181 -4.77 28.85 13.09
CA HIS D 181 -4.82 29.98 14.01
C HIS D 181 -3.58 30.80 13.72
N LEU D 182 -2.52 30.11 13.31
CA LEU D 182 -1.23 30.71 13.01
C LEU D 182 -1.05 31.21 11.57
N PHE D 183 -2.14 31.34 10.83
CA PHE D 183 -2.04 31.82 9.45
C PHE D 183 -3.00 32.96 9.09
N THR D 184 -3.66 33.55 10.09
CA THR D 184 -4.58 34.66 9.82
C THR D 184 -3.82 36.00 9.86
N GLU D 185 -4.34 37.02 9.19
CA GLU D 185 -3.68 38.33 9.18
C GLU D 185 -3.62 38.93 10.60
N GLU D 186 -4.66 38.66 11.39
CA GLU D 186 -4.74 39.14 12.77
C GLU D 186 -3.53 38.62 13.55
N PHE D 187 -3.18 37.36 13.31
CA PHE D 187 -2.05 36.74 13.97
C PHE D 187 -0.71 37.38 13.62
N TYR D 188 -0.43 37.54 12.33
CA TYR D 188 0.83 38.14 11.90
C TYR D 188 1.01 39.57 12.43
N GLN D 189 -0.08 40.31 12.55
CA GLN D 189 -0.02 41.68 13.07
C GLN D 189 0.39 41.67 14.55
N ALA D 190 -0.11 40.68 15.29
CA ALA D 190 0.21 40.53 16.71
C ALA D 190 1.68 40.17 16.83
N CYS D 191 2.20 39.42 15.86
CA CYS D 191 3.62 39.04 15.88
C CYS D 191 4.44 40.30 15.65
N TYR D 192 3.98 41.10 14.70
CA TYR D 192 4.61 42.36 14.36
C TYR D 192 4.66 43.26 15.61
N ASP D 193 3.53 43.36 16.30
CA ASP D 193 3.42 44.17 17.51
C ASP D 193 4.26 43.64 18.66
N ALA D 194 4.41 42.32 18.74
CA ALA D 194 5.19 41.69 19.79
C ALA D 194 6.68 41.88 19.59
N LEU D 195 7.10 42.16 18.35
CA LEU D 195 8.52 42.38 18.05
C LEU D 195 8.98 43.80 18.39
N LYS D 196 10.27 43.94 18.66
CA LYS D 196 10.86 45.26 18.92
C LYS D 196 10.96 46.04 17.61
N GLU D 197 11.33 47.31 17.68
CA GLU D 197 11.44 48.18 16.50
C GLU D 197 12.22 47.61 15.30
N ASP D 198 13.27 46.84 15.60
CA ASP D 198 14.12 46.23 14.58
C ASP D 198 14.08 44.70 14.64
N GLY D 199 12.95 44.15 15.05
CA GLY D 199 12.82 42.70 15.15
C GLY D 199 12.68 42.01 13.81
N VAL D 200 13.02 40.72 13.78
CA VAL D 200 12.91 39.92 12.56
C VAL D 200 11.94 38.74 12.76
N PHE D 201 11.56 38.10 11.66
CA PHE D 201 10.56 37.05 11.73
C PHE D 201 10.76 36.00 10.65
N SER D 202 10.41 34.75 10.94
CA SER D 202 10.44 33.69 9.93
C SER D 202 9.27 32.76 10.24
N ALA D 203 8.73 32.14 9.19
CA ALA D 203 7.59 31.25 9.34
C ALA D 203 7.67 30.20 8.24
N GLU D 204 7.41 28.94 8.60
CA GLU D 204 7.43 27.88 7.59
C GLU D 204 6.17 28.10 6.75
N THR D 205 6.34 28.18 5.44
CA THR D 205 5.21 28.45 4.56
C THR D 205 4.84 27.38 3.53
N GLU D 206 5.09 26.12 3.91
CA GLU D 206 4.74 24.94 3.09
C GLU D 206 5.48 24.79 1.77
N ASP D 207 5.16 23.70 1.06
CA ASP D 207 5.73 23.42 -0.23
C ASP D 207 4.82 24.05 -1.27
N PRO D 208 5.40 24.80 -2.22
CA PRO D 208 4.69 25.48 -3.30
C PRO D 208 4.43 24.46 -4.41
N PHE D 209 3.88 23.32 -4.05
CA PHE D 209 3.58 22.26 -5.00
C PHE D 209 2.23 21.66 -4.62
N TYR D 210 2.21 20.77 -3.63
CA TYR D 210 0.95 20.18 -3.18
C TYR D 210 0.14 21.18 -2.34
N ASP D 211 0.83 22.14 -1.76
CA ASP D 211 0.19 23.10 -0.87
C ASP D 211 0.34 24.55 -1.34
N ILE D 212 0.28 24.71 -2.65
CA ILE D 212 0.42 26.01 -3.31
C ILE D 212 -0.54 27.06 -2.75
N GLY D 213 -1.78 26.66 -2.53
CA GLY D 213 -2.80 27.55 -2.02
C GLY D 213 -2.45 28.22 -0.72
N TRP D 214 -2.04 27.43 0.27
CA TRP D 214 -1.68 27.97 1.56
C TRP D 214 -0.35 28.72 1.56
N PHE D 215 0.53 28.34 0.63
CA PHE D 215 1.83 29.00 0.49
C PHE D 215 1.56 30.46 0.06
N LYS D 216 0.73 30.61 -0.96
CA LYS D 216 0.37 31.92 -1.51
C LYS D 216 -0.34 32.80 -0.47
N LEU D 217 -1.31 32.22 0.22
CA LEU D 217 -2.08 32.95 1.22
C LEU D 217 -1.22 33.42 2.40
N ALA D 218 -0.30 32.57 2.84
CA ALA D 218 0.58 32.92 3.94
C ALA D 218 1.46 34.09 3.53
N TYR D 219 1.95 34.06 2.30
CA TYR D 219 2.82 35.14 1.81
C TYR D 219 2.06 36.45 1.72
N ARG D 220 0.85 36.40 1.16
CA ARG D 220 0.04 37.61 0.99
C ARG D 220 -0.28 38.26 2.33
N ARG D 221 -0.65 37.44 3.32
CA ARG D 221 -0.99 37.94 4.64
C ARG D 221 0.20 38.51 5.39
N ILE D 222 1.35 37.85 5.29
CA ILE D 222 2.56 38.31 5.96
C ILE D 222 3.05 39.62 5.32
N SER D 223 3.03 39.65 3.99
CA SER D 223 3.48 40.83 3.25
C SER D 223 2.60 42.06 3.50
N LYS D 224 1.33 41.83 3.84
CA LYS D 224 0.43 42.95 4.11
C LYS D 224 0.74 43.60 5.48
N VAL D 225 1.40 42.86 6.37
CA VAL D 225 1.74 43.34 7.70
C VAL D 225 3.16 43.89 7.81
N PHE D 226 4.12 43.12 7.29
CA PHE D 226 5.52 43.51 7.31
C PHE D 226 5.95 44.23 6.03
N PRO D 227 6.79 45.28 6.16
CA PRO D 227 7.29 46.07 5.03
C PRO D 227 8.29 45.27 4.20
N ILE D 228 9.05 44.40 4.86
CA ILE D 228 10.01 43.55 4.17
C ILE D 228 9.50 42.11 4.34
N THR D 229 9.20 41.47 3.21
CA THR D 229 8.71 40.09 3.21
C THR D 229 9.37 39.36 2.04
N ARG D 230 10.12 38.32 2.35
CA ARG D 230 10.83 37.55 1.32
C ARG D 230 10.74 36.06 1.54
N VAL D 231 10.45 35.34 0.47
CA VAL D 231 10.37 33.88 0.54
C VAL D 231 11.73 33.30 0.23
N TYR D 232 12.14 32.30 1.01
CA TYR D 232 13.38 31.59 0.76
C TYR D 232 13.03 30.10 0.71
N LEU D 233 13.83 29.32 0.01
CA LEU D 233 13.53 27.90 -0.18
C LEU D 233 14.65 27.02 0.34
N GLY D 234 14.31 25.77 0.69
CA GLY D 234 15.30 24.84 1.17
C GLY D 234 14.87 23.40 0.90
N PHE D 235 15.84 22.52 0.77
CA PHE D 235 15.55 21.11 0.55
C PHE D 235 15.12 20.55 1.90
N MET D 236 14.16 19.63 1.87
CA MET D 236 13.66 18.97 3.08
C MET D 236 13.32 17.60 2.52
N THR D 237 14.28 16.70 2.59
CA THR D 237 14.22 15.37 2.01
C THR D 237 13.10 14.39 2.32
N THR D 238 12.29 14.67 3.33
CA THR D 238 11.17 13.82 3.66
C THR D 238 9.85 14.56 3.82
N TYR D 239 9.81 15.84 3.45
CA TYR D 239 8.55 16.60 3.51
C TYR D 239 7.95 16.51 2.12
N PRO D 240 6.62 16.71 2.00
CA PRO D 240 5.96 16.64 0.69
C PRO D 240 6.61 17.49 -0.40
N SER D 241 7.02 16.81 -1.49
CA SER D 241 7.66 17.38 -2.68
C SER D 241 9.16 17.65 -2.53
N GLY D 242 9.62 17.74 -1.29
CA GLY D 242 11.02 18.02 -1.05
C GLY D 242 11.43 19.46 -1.29
N MET D 243 10.47 20.32 -1.64
CA MET D 243 10.78 21.73 -1.88
C MET D 243 9.99 22.52 -0.85
N TRP D 244 10.67 22.93 0.21
CA TRP D 244 10.02 23.67 1.28
C TRP D 244 10.24 25.17 1.21
N SER D 245 9.23 25.93 1.63
CA SER D 245 9.37 27.39 1.64
C SER D 245 9.28 27.90 3.06
N TYR D 246 9.92 29.06 3.25
CA TYR D 246 9.97 29.76 4.53
C TYR D 246 9.82 31.20 4.14
N THR D 247 9.15 32.00 4.97
CA THR D 247 8.98 33.41 4.69
C THR D 247 9.65 34.24 5.77
N PHE D 248 10.60 35.06 5.35
CA PHE D 248 11.31 35.94 6.25
C PHE D 248 10.63 37.30 6.18
N ALA D 249 10.55 37.96 7.33
CA ALA D 249 9.95 39.28 7.37
C ALA D 249 10.67 40.15 8.40
N SER D 250 10.56 41.46 8.22
CA SER D 250 11.20 42.39 9.14
C SER D 250 10.56 43.75 9.01
N LYS D 251 11.00 44.67 9.87
CA LYS D 251 10.50 46.03 9.87
C LYS D 251 11.46 46.94 9.09
N GLY D 252 12.41 46.32 8.39
CA GLY D 252 13.38 47.07 7.60
C GLY D 252 14.65 46.32 7.23
N ILE D 253 15.04 45.34 8.03
CA ILE D 253 16.26 44.58 7.77
C ILE D 253 16.06 43.73 6.50
N ASP D 254 17.00 43.87 5.55
CA ASP D 254 16.94 43.14 4.29
C ASP D 254 17.78 41.86 4.38
N PRO D 255 17.19 40.72 3.97
CA PRO D 255 17.83 39.39 3.98
C PRO D 255 19.14 39.26 3.21
N ILE D 256 19.26 40.05 2.14
CA ILE D 256 20.47 40.01 1.32
C ILE D 256 21.34 41.23 1.61
N LYS D 257 20.77 42.42 1.44
CA LYS D 257 21.49 43.69 1.66
C LYS D 257 22.09 43.85 3.05
N ASP D 258 21.39 43.35 4.08
CA ASP D 258 21.89 43.47 5.45
C ASP D 258 22.51 42.21 6.03
N PHE D 259 22.89 41.29 5.15
CA PHE D 259 23.50 40.03 5.56
C PHE D 259 25.01 40.13 5.69
N ASP D 260 25.54 39.64 6.81
CA ASP D 260 26.98 39.65 7.06
C ASP D 260 27.51 38.22 7.05
N PRO D 261 28.01 37.76 5.89
CA PRO D 261 28.55 36.40 5.76
C PRO D 261 29.62 36.05 6.79
N GLU D 262 30.32 37.05 7.31
CA GLU D 262 31.36 36.81 8.31
C GLU D 262 30.83 36.21 9.61
N LYS D 263 29.62 36.62 10.02
CA LYS D 263 29.01 36.12 11.24
C LYS D 263 28.84 34.60 11.16
N VAL D 264 28.49 34.11 9.97
CA VAL D 264 28.30 32.68 9.74
C VAL D 264 29.62 31.94 9.68
N ARG D 265 30.61 32.55 9.02
CA ARG D 265 31.93 31.95 8.90
C ARG D 265 32.61 31.77 10.26
N LYS D 266 32.47 32.77 11.12
CA LYS D 266 33.09 32.72 12.46
C LYS D 266 32.19 32.07 13.51
N PHE D 267 31.11 31.42 13.08
CA PHE D 267 30.19 30.76 14.00
C PHE D 267 30.90 29.63 14.76
N ASN D 268 30.73 29.61 16.07
CA ASN D 268 31.39 28.60 16.92
C ASN D 268 30.55 27.36 17.22
N LYS D 269 29.58 27.06 16.35
CA LYS D 269 28.72 25.89 16.54
C LYS D 269 28.57 25.08 15.25
N GLU D 270 28.09 23.85 15.38
CA GLU D 270 27.90 22.97 14.23
C GLU D 270 26.68 23.29 13.37
N LEU D 271 26.87 23.29 12.05
CA LEU D 271 25.79 23.53 11.09
C LEU D 271 25.95 22.48 10.01
N LYS D 272 24.91 21.68 9.82
CA LYS D 272 24.95 20.60 8.83
C LYS D 272 24.37 20.97 7.48
N TYR D 273 23.61 22.07 7.41
CA TYR D 273 23.01 22.50 6.16
C TYR D 273 23.37 23.95 5.83
N TYR D 274 22.92 24.85 6.70
CA TYR D 274 23.13 26.28 6.55
C TYR D 274 24.57 26.79 6.50
N ASN D 275 24.80 27.75 5.59
CA ASN D 275 26.08 28.42 5.44
C ASN D 275 25.86 29.75 4.71
N GLU D 276 26.92 30.54 4.53
CA GLU D 276 26.78 31.85 3.88
C GLU D 276 26.27 31.83 2.44
N GLU D 277 26.78 30.92 1.62
CA GLU D 277 26.34 30.89 0.22
C GLU D 277 24.90 30.37 0.07
N VAL D 278 24.53 29.43 0.93
CA VAL D 278 23.18 28.86 0.96
C VAL D 278 22.17 29.92 1.42
N HIS D 279 22.58 30.74 2.39
CA HIS D 279 21.71 31.80 2.90
C HIS D 279 21.22 32.69 1.76
N VAL D 280 22.18 33.18 0.97
CA VAL D 280 21.89 34.04 -0.17
C VAL D 280 21.18 33.29 -1.29
N ALA D 281 21.66 32.08 -1.58
CA ALA D 281 21.07 31.26 -2.64
C ALA D 281 19.61 30.89 -2.38
N SER D 282 19.25 30.69 -1.11
CA SER D 282 17.88 30.30 -0.77
C SER D 282 16.82 31.30 -1.18
N PHE D 283 17.22 32.56 -1.40
CA PHE D 283 16.27 33.59 -1.82
C PHE D 283 16.05 33.67 -3.32
N ALA D 284 16.85 32.95 -4.10
CA ALA D 284 16.67 32.94 -5.56
C ALA D 284 15.50 32.01 -5.84
N LEU D 285 14.41 32.56 -6.39
CA LEU D 285 13.22 31.74 -6.63
C LEU D 285 13.06 31.34 -8.09
N PRO D 286 12.73 30.07 -8.35
CA PRO D 286 12.54 29.61 -9.74
C PRO D 286 11.35 30.37 -10.30
N ASN D 287 11.32 30.53 -11.63
CA ASN D 287 10.22 31.26 -12.27
C ASN D 287 8.80 30.89 -11.86
N PHE D 288 8.48 29.60 -11.76
CA PHE D 288 7.12 29.21 -11.39
C PHE D 288 6.72 29.73 -10.00
N VAL D 289 7.70 29.83 -9.10
CA VAL D 289 7.44 30.32 -7.74
C VAL D 289 7.22 31.85 -7.79
N LYS D 290 8.04 32.54 -8.58
CA LYS D 290 7.92 34.00 -8.73
C LYS D 290 6.55 34.35 -9.30
N LYS D 291 6.13 33.58 -10.30
CA LYS D 291 4.85 33.77 -10.97
C LYS D 291 3.69 33.57 -9.98
N GLU D 292 3.78 32.53 -9.16
CA GLU D 292 2.71 32.27 -8.19
C GLU D 292 2.62 33.38 -7.15
N LEU D 293 3.73 34.07 -6.92
CA LEU D 293 3.78 35.16 -5.95
C LEU D 293 3.55 36.53 -6.56
N GLY D 294 3.33 36.58 -7.87
CA GLY D 294 3.10 37.85 -8.55
C GLY D 294 4.36 38.68 -8.68
N LEU D 295 5.51 38.04 -8.50
CA LEU D 295 6.81 38.70 -8.62
C LEU D 295 7.35 38.62 -10.05
N MET D 296 6.52 38.09 -10.94
CA MET D 296 6.84 37.94 -12.35
C MET D 296 5.54 37.66 -13.13
N AAT E . 14.50 12.57 -18.70
CA AAT E . 14.12 12.27 -17.41
CB AAT E . 14.14 10.83 -17.19
CG AAT E . 15.41 10.25 -17.63
SD AAT E . 15.07 8.98 -18.84
C5' AAT E . 16.59 8.02 -18.97
C4' AAT E . 16.73 7.26 -20.24
O4' AAT E . 18.00 6.91 -20.41
C3' AAT E . 15.95 6.03 -20.28
O3' AAT E . 15.04 6.22 -21.31
C2' AAT E . 16.97 4.86 -20.64
O2' AAT E . 16.57 3.79 -21.48
C1' AAT E . 18.14 5.71 -21.12
N9 AAT E . 19.45 5.26 -20.76
C8 AAT E . 19.88 4.28 -19.90
N7 AAT E . 21.01 3.62 -20.23
C5 AAT E . 21.35 4.15 -21.38
C6 AAT E . 22.51 3.85 -22.25
N6 AAT E . 23.47 2.89 -21.93
N1 AAT E . 22.69 4.54 -23.46
C2 AAT E . 21.71 5.50 -23.74
N3 AAT E . 20.58 5.84 -22.98
C4 AAT E . 20.42 5.15 -21.77
C11 AAT E . 16.14 9.64 -16.45
C12 AAT E . 16.47 10.28 -15.12
C13 AAT E . 15.53 9.87 -14.01
C14 AAT E . 16.05 9.41 -12.65
C15 AAT E . 15.13 8.99 -11.52
N16 AAT E . 15.36 8.54 -10.20
N AAT F . -3.39 -21.61 16.31
CA AAT F . -3.51 -20.48 15.54
CB AAT F . -2.25 -19.75 15.51
CG AAT F . -1.16 -20.65 15.15
SD AAT F . 0.38 -20.21 16.04
C5' AAT F . 1.39 -21.72 15.92
C4' AAT F . 2.69 -21.80 16.69
O4' AAT F . 3.25 -23.03 16.48
C3' AAT F . 3.68 -20.85 16.26
O3' AAT F . 3.77 -19.90 17.28
C2' AAT F . 5.06 -21.64 16.14
O2' AAT F . 6.21 -21.12 16.73
C1' AAT F . 4.65 -23.02 16.60
N9 AAT F . 5.23 -24.08 15.78
C8 AAT F . 6.10 -23.95 14.72
N7 AAT F . 7.09 -24.87 14.59
C5 AAT F . 6.92 -25.66 15.61
C6 AAT F . 7.71 -26.87 16.01
N6 AAT F . 8.80 -27.36 15.31
N1 AAT F . 7.35 -27.58 17.18
C2 AAT F . 6.24 -27.08 17.87
N3 AAT F . 5.44 -25.95 17.57
C4 AAT F . 5.79 -25.23 16.41
C11 AAT F . -0.97 -20.57 13.68
C12 AAT F . -1.99 -20.79 12.58
C13 AAT F . -1.85 -19.83 11.41
C14 AAT F . -1.88 -20.28 9.97
C15 AAT F . -1.75 -19.30 8.81
N16 AAT F . -1.74 -19.43 7.41
N AAT G . 9.50 21.18 13.82
CA AAT G . 9.16 20.47 12.67
CB AAT G . 7.84 19.88 12.82
CG AAT G . 6.81 20.90 13.05
SD AAT G . 5.90 20.51 14.55
C5' AAT G . 4.67 21.81 14.72
C4' AAT G . 4.05 21.90 16.09
O4' AAT G . 3.28 23.01 16.16
C3' AAT G . 3.16 20.76 16.40
O3' AAT G . 3.73 20.12 17.50
C2' AAT G . 1.76 21.40 16.80
O2' AAT G . 1.01 20.84 17.84
C1' AAT G . 2.17 22.84 17.01
N9 AAT G . 1.23 23.81 16.57
C8 AAT G . 0.05 23.71 15.89
N7 AAT G . -0.91 24.63 16.18
C5 AAT G . -0.37 25.36 17.13
C6 AAT G . -0.90 26.54 17.86
N6 AAT G . -2.16 27.08 17.62
N1 AAT G . -0.13 27.18 18.85
C2 AAT G . 1.14 26.62 19.06
N3 AAT G . 1.73 25.53 18.43
C4 AAT G . 0.96 24.90 17.43
C11 AAT G . 5.87 20.92 11.88
C12 AAT G . 6.05 21.59 10.53
C13 AAT G . 5.06 21.09 9.49
C14 AAT G . 5.51 20.12 8.43
C15 AAT G . 4.62 19.56 7.36
N16 AAT G . 4.86 18.66 6.30
#